data_3FNF
#
_entry.id   3FNF
#
_cell.length_a   125.651
_cell.length_b   92.377
_cell.length_c   102.406
_cell.angle_alpha   90.00
_cell.angle_beta   106.51
_cell.angle_gamma   90.00
#
_symmetry.space_group_name_H-M   'C 1 2 1'
#
loop_
_entity.id
_entity.type
_entity.pdbx_description
1 polymer 'Enoyl-[acyl-carrier-protein] reductase [NADH]'
2 non-polymer NICOTINAMIDE-ADENINE-DINUCLEOTIDE
3 non-polymer 5-benzyl-2-(2,4-dichlorophenoxy)phenol
4 water water
#
_entity_poly.entity_id   1
_entity_poly.type   'polypeptide(L)'
_entity_poly.pdbx_seq_one_letter_code
;MTGLLDGKRILVSGIITDSSIAFHIARVAQEQGAQLVLTGFDRLRLIQRITDRLPAKAPLLELDVQNEEHLASLAGRVTE
AIGAGNKLDGVVHSIGFMPQTGMGINPFFDAPYADVSKGIHISAYSYASMAKALLPIMNPGGSIVGMDFDPSRAMPAYNW
MTVAKSALESVNRFVAREAGKYGVRSNLVAAGPIRTLAMSAIVGGALGEEAGAQIQLLEEGWDQRAPIGWNMKDATPVAK
TVCALLSDWLPATTGDIIYADGGAHTQLL
;
_entity_poly.pdbx_strand_id   A,B,C,D
#
loop_
_chem_comp.id
_chem_comp.type
_chem_comp.name
_chem_comp.formula
JPM non-polymer 5-benzyl-2-(2,4-dichlorophenoxy)phenol 'C19 H14 Cl2 O2'
NAD non-polymer NICOTINAMIDE-ADENINE-DINUCLEOTIDE 'C21 H27 N7 O14 P2'
#
# COMPACT_ATOMS: atom_id res chain seq x y z
N THR A 2 -27.01 27.99 -1.86
CA THR A 2 -26.01 27.05 -1.28
C THR A 2 -26.65 25.69 -1.12
N GLY A 3 -26.16 24.91 -0.16
CA GLY A 3 -26.50 23.50 -0.03
C GLY A 3 -25.53 22.67 -0.84
N LEU A 4 -24.50 22.14 -0.18
CA LEU A 4 -23.54 21.27 -0.85
C LEU A 4 -24.25 20.11 -1.56
N LEU A 5 -25.33 19.66 -0.96
CA LEU A 5 -26.09 18.52 -1.42
C LEU A 5 -27.50 18.98 -1.80
N ASP A 6 -27.58 20.18 -2.34
CA ASP A 6 -28.87 20.76 -2.69
C ASP A 6 -29.64 19.97 -3.72
N GLY A 7 -30.89 19.64 -3.38
CA GLY A 7 -31.79 18.88 -4.26
C GLY A 7 -31.50 17.38 -4.36
N LYS A 8 -30.43 16.92 -3.71
CA LYS A 8 -30.05 15.51 -3.85
C LYS A 8 -30.92 14.67 -2.95
N ARG A 9 -31.32 13.50 -3.46
CA ARG A 9 -32.06 12.54 -2.65
C ARG A 9 -31.12 11.38 -2.22
N ILE A 10 -31.06 11.14 -0.92
CA ILE A 10 -30.07 10.23 -0.36
C ILE A 10 -30.60 9.28 0.70
N LEU A 11 -30.23 8.01 0.57
CA LEU A 11 -30.55 6.93 1.50
C LEU A 11 -29.44 6.81 2.56
N VAL A 12 -29.79 6.93 3.83
CA VAL A 12 -28.78 6.79 4.91
C VAL A 12 -29.18 5.63 5.81
N SER A 13 -28.33 4.58 5.84
CA SER A 13 -28.51 3.42 6.72
C SER A 13 -27.62 3.53 7.95
N GLY A 14 -27.98 2.79 8.99
CA GLY A 14 -27.09 2.57 10.10
C GLY A 14 -27.29 3.46 11.31
N ILE A 15 -28.38 4.22 11.34
CA ILE A 15 -28.69 4.97 12.57
C ILE A 15 -29.22 4.03 13.63
N ILE A 16 -28.62 4.09 14.80
CA ILE A 16 -29.11 3.31 15.95
C ILE A 16 -29.14 4.20 17.18
N THR A 17 -28.20 5.12 17.26
CA THR A 17 -28.19 6.10 18.34
C THR A 17 -27.79 7.42 17.74
N ASP A 18 -28.05 8.49 18.50
CA ASP A 18 -27.74 9.84 18.09
C ASP A 18 -26.21 10.02 18.09
N SER A 19 -25.49 8.97 18.45
CA SER A 19 -24.03 9.09 18.40
C SER A 19 -23.40 8.23 17.29
N SER A 20 -24.27 7.56 16.54
CA SER A 20 -23.91 6.81 15.35
C SER A 20 -23.33 7.74 14.34
N ILE A 21 -22.25 7.28 13.72
CA ILE A 21 -21.73 7.96 12.55
C ILE A 21 -22.84 8.27 11.53
N ALA A 22 -23.71 7.28 11.26
CA ALA A 22 -24.87 7.50 10.37
C ALA A 22 -25.81 8.65 10.80
N PHE A 23 -26.00 8.85 12.10
CA PHE A 23 -26.79 10.00 12.59
C PHE A 23 -26.19 11.32 12.12
N HIS A 24 -24.86 11.43 12.19
CA HIS A 24 -24.15 12.66 11.90
C HIS A 24 -23.97 12.90 10.43
N ILE A 25 -23.79 11.82 9.66
CA ILE A 25 -23.87 11.93 8.20
C ILE A 25 -25.24 12.46 7.78
N ALA A 26 -26.32 11.89 8.32
CA ALA A 26 -27.67 12.33 7.96
C ALA A 26 -27.92 13.82 8.20
N ARG A 27 -27.48 14.30 9.36
CA ARG A 27 -27.71 15.65 9.83
C ARG A 27 -26.93 16.64 8.99
N VAL A 28 -25.66 16.34 8.72
CA VAL A 28 -24.87 17.26 7.88
C VAL A 28 -25.47 17.29 6.49
N ALA A 29 -25.85 16.12 5.99
CA ALA A 29 -26.57 16.02 4.74
C ALA A 29 -27.82 16.91 4.77
N GLN A 30 -28.64 16.81 5.83
CA GLN A 30 -29.88 17.62 5.86
C GLN A 30 -29.56 19.13 5.88
N GLU A 31 -28.56 19.49 6.69
CA GLU A 31 -28.04 20.86 6.77
C GLU A 31 -27.57 21.36 5.40
N GLN A 32 -27.11 20.45 4.54
CA GLN A 32 -26.61 20.83 3.22
C GLN A 32 -27.60 20.67 2.09
N GLY A 33 -28.89 20.54 2.41
CA GLY A 33 -29.98 20.64 1.42
C GLY A 33 -30.54 19.35 0.85
N ALA A 34 -30.03 18.20 1.34
CA ALA A 34 -30.43 16.90 0.81
C ALA A 34 -31.72 16.45 1.44
N GLN A 35 -32.52 15.70 0.69
CA GLN A 35 -33.70 15.03 1.19
C GLN A 35 -33.41 13.53 1.36
N LEU A 36 -33.77 12.98 2.51
CA LEU A 36 -33.23 11.69 2.92
C LEU A 36 -34.29 10.67 3.04
N VAL A 37 -33.90 9.43 2.75
CA VAL A 37 -34.57 8.23 3.18
C VAL A 37 -33.64 7.53 4.18
N LEU A 38 -34.22 7.07 5.28
CA LEU A 38 -33.49 6.41 6.33
C LEU A 38 -33.89 4.93 6.41
N THR A 39 -32.92 4.08 6.70
CA THR A 39 -33.21 2.67 6.94
C THR A 39 -32.66 2.29 8.29
N GLY A 40 -33.39 1.41 8.97
CA GLY A 40 -33.03 1.01 10.31
C GLY A 40 -33.25 -0.46 10.49
N PHE A 41 -32.42 -1.05 11.34
CA PHE A 41 -32.39 -2.49 11.46
C PHE A 41 -33.48 -3.05 12.38
N ASP A 42 -33.32 -2.95 13.70
CA ASP A 42 -34.08 -3.91 14.54
C ASP A 42 -35.11 -3.27 15.50
N ARG A 43 -34.70 -2.17 16.12
CA ARG A 43 -35.52 -1.49 17.10
C ARG A 43 -36.06 -0.23 16.47
N LEU A 44 -36.94 -0.41 15.50
CA LEU A 44 -37.49 0.69 14.72
C LEU A 44 -38.21 1.76 15.58
N ARG A 45 -39.07 1.33 16.51
CA ARG A 45 -39.74 2.27 17.43
C ARG A 45 -38.69 3.18 18.07
N LEU A 46 -37.57 2.58 18.49
CA LEU A 46 -36.48 3.32 19.14
C LEU A 46 -35.75 4.22 18.15
N ILE A 47 -35.46 3.70 16.96
CA ILE A 47 -34.75 4.44 15.90
C ILE A 47 -35.54 5.65 15.39
N GLN A 48 -36.85 5.48 15.18
CA GLN A 48 -37.72 6.62 14.86
C GLN A 48 -37.58 7.76 15.87
N ARG A 49 -37.53 7.41 17.17
CA ARG A 49 -37.30 8.40 18.23
C ARG A 49 -35.97 9.10 18.09
N ILE A 50 -34.95 8.39 17.62
CA ILE A 50 -33.62 8.98 17.41
C ILE A 50 -33.66 9.86 16.18
N THR A 51 -34.31 9.36 15.13
CA THR A 51 -34.38 10.09 13.86
C THR A 51 -35.33 11.30 13.91
N ASP A 52 -36.29 11.30 14.85
CA ASP A 52 -37.09 12.50 15.17
C ASP A 52 -36.19 13.66 15.57
N ARG A 53 -34.97 13.37 16.01
CA ARG A 53 -34.07 14.42 16.53
C ARG A 53 -33.22 15.06 15.43
N LEU A 54 -33.36 14.55 14.20
CA LEU A 54 -32.80 15.16 13.00
C LEU A 54 -33.54 16.47 12.67
N PRO A 55 -32.87 17.46 12.03
CA PRO A 55 -33.50 18.76 11.82
C PRO A 55 -34.57 18.80 10.74
N ALA A 56 -34.74 17.72 9.98
CA ALA A 56 -35.74 17.67 8.93
C ALA A 56 -36.40 16.29 8.86
N LYS A 57 -37.64 16.24 8.36
CA LYS A 57 -38.35 14.97 8.14
C LYS A 57 -37.59 14.07 7.17
N ALA A 58 -37.62 12.78 7.46
CA ALA A 58 -37.09 11.78 6.53
C ALA A 58 -37.82 10.50 6.82
N PRO A 59 -38.32 9.83 5.76
CA PRO A 59 -39.03 8.57 6.02
C PRO A 59 -38.08 7.46 6.47
N LEU A 60 -38.59 6.55 7.30
CA LEU A 60 -37.79 5.50 7.90
C LEU A 60 -38.33 4.14 7.53
N LEU A 61 -37.56 3.42 6.72
CA LEU A 61 -37.88 2.08 6.25
C LEU A 61 -37.10 1.03 7.06
N GLU A 62 -37.65 -0.17 7.23
CA GLU A 62 -36.89 -1.24 7.85
C GLU A 62 -35.96 -1.95 6.85
N LEU A 63 -34.74 -2.25 7.30
CA LEU A 63 -33.79 -3.01 6.48
C LEU A 63 -32.89 -3.87 7.33
N ASP A 64 -33.29 -5.15 7.39
CA ASP A 64 -32.38 -6.17 7.83
C ASP A 64 -31.61 -6.61 6.59
N VAL A 65 -30.35 -6.21 6.56
CA VAL A 65 -29.39 -6.51 5.50
C VAL A 65 -29.23 -8.04 5.23
N GLN A 66 -29.53 -8.88 6.21
CA GLN A 66 -29.45 -10.33 6.08
C GLN A 66 -30.77 -10.96 5.61
N ASN A 67 -31.78 -10.13 5.39
CA ASN A 67 -33.12 -10.61 5.04
C ASN A 67 -33.38 -10.39 3.54
N GLU A 68 -33.54 -11.48 2.80
CA GLU A 68 -33.65 -11.38 1.35
C GLU A 68 -34.89 -10.62 0.86
N GLU A 69 -35.99 -10.77 1.60
CA GLU A 69 -37.24 -10.05 1.33
C GLU A 69 -37.13 -8.51 1.45
N HIS A 70 -36.53 -8.02 2.54
CA HIS A 70 -36.27 -6.59 2.70
C HIS A 70 -35.47 -6.01 1.54
N LEU A 71 -34.43 -6.71 1.11
CA LEU A 71 -33.63 -6.29 -0.04
C LEU A 71 -34.43 -6.34 -1.37
N ALA A 72 -35.24 -7.38 -1.51
CA ALA A 72 -36.15 -7.51 -2.66
C ALA A 72 -37.12 -6.34 -2.73
N SER A 73 -37.74 -6.01 -1.60
CA SER A 73 -38.75 -4.94 -1.52
C SER A 73 -38.19 -3.51 -1.45
N LEU A 74 -36.88 -3.39 -1.25
CA LEU A 74 -36.23 -2.12 -0.93
C LEU A 74 -36.42 -1.02 -1.98
N ALA A 75 -36.05 -1.31 -3.22
CA ALA A 75 -36.14 -0.32 -4.29
C ALA A 75 -37.55 0.27 -4.42
N GLY A 76 -38.56 -0.61 -4.35
CA GLY A 76 -39.96 -0.19 -4.46
C GLY A 76 -40.40 0.64 -3.27
N ARG A 77 -40.09 0.17 -2.07
CA ARG A 77 -40.36 0.94 -0.88
C ARG A 77 -39.65 2.30 -0.93
N VAL A 78 -38.47 2.34 -1.49
CA VAL A 78 -37.77 3.62 -1.61
C VAL A 78 -38.50 4.57 -2.55
N THR A 79 -38.84 4.10 -3.74
CA THR A 79 -39.53 4.93 -4.73
C THR A 79 -40.93 5.38 -4.24
N GLU A 80 -41.68 4.50 -3.58
CA GLU A 80 -42.91 4.88 -2.87
C GLU A 80 -42.68 6.14 -2.03
N ALA A 81 -41.58 6.15 -1.28
CA ALA A 81 -41.32 7.26 -0.36
C ALA A 81 -40.84 8.55 -1.04
N ILE A 82 -40.09 8.43 -2.14
CA ILE A 82 -39.56 9.61 -2.83
C ILE A 82 -40.41 10.06 -4.02
N GLY A 83 -41.50 9.34 -4.27
CA GLY A 83 -42.40 9.63 -5.39
C GLY A 83 -41.89 8.93 -6.62
N ALA A 84 -42.79 8.30 -7.37
CA ALA A 84 -42.45 7.68 -8.66
C ALA A 84 -41.85 8.70 -9.63
N GLY A 85 -40.92 8.26 -10.47
CA GLY A 85 -40.23 9.17 -11.39
C GLY A 85 -39.09 9.93 -10.72
N ASN A 86 -38.86 9.62 -9.44
CA ASN A 86 -37.69 10.14 -8.72
C ASN A 86 -36.74 9.01 -8.37
N LYS A 87 -35.46 9.33 -8.35
CA LYS A 87 -34.42 8.38 -8.03
C LYS A 87 -33.49 8.95 -6.96
N LEU A 88 -32.70 8.08 -6.35
CA LEU A 88 -31.69 8.48 -5.39
C LEU A 88 -30.47 8.97 -6.12
N ASP A 89 -29.80 9.95 -5.52
CA ASP A 89 -28.51 10.42 -6.00
C ASP A 89 -27.41 9.86 -5.13
N GLY A 90 -27.82 9.33 -3.98
CA GLY A 90 -26.86 8.92 -2.97
C GLY A 90 -27.34 7.80 -2.08
N VAL A 91 -26.40 6.98 -1.65
CA VAL A 91 -26.63 5.87 -0.74
C VAL A 91 -25.45 5.80 0.24
N VAL A 92 -25.79 5.76 1.53
CA VAL A 92 -24.81 5.57 2.60
C VAL A 92 -25.03 4.22 3.30
N HIS A 93 -24.01 3.37 3.20
CA HIS A 93 -23.87 2.15 3.97
C HIS A 93 -23.00 2.46 5.21
N SER A 94 -23.64 2.57 6.37
CA SER A 94 -22.91 2.82 7.62
C SER A 94 -23.35 1.71 8.58
N ILE A 95 -23.16 0.48 8.11
CA ILE A 95 -23.57 -0.67 8.90
C ILE A 95 -22.42 -1.66 9.10
N GLY A 96 -22.40 -2.24 10.28
CA GLY A 96 -21.39 -3.21 10.63
C GLY A 96 -21.79 -4.02 11.82
N PHE A 97 -21.46 -5.30 11.75
CA PHE A 97 -21.60 -6.20 12.88
C PHE A 97 -20.53 -7.30 12.83
N MET A 98 -20.10 -7.73 14.03
CA MET A 98 -19.33 -8.95 14.24
C MET A 98 -19.61 -9.45 15.65
N PRO A 99 -19.97 -10.74 15.79
CA PRO A 99 -20.15 -11.31 17.13
C PRO A 99 -18.94 -11.12 18.07
N GLN A 100 -19.25 -11.03 19.37
CA GLN A 100 -18.32 -10.87 20.49
C GLN A 100 -17.11 -11.84 20.39
N THR A 101 -17.45 -13.06 20.11
CA THR A 101 -16.58 -14.12 19.70
C THR A 101 -15.44 -13.69 18.73
N GLY A 102 -15.71 -12.73 17.85
CA GLY A 102 -14.78 -12.43 16.78
C GLY A 102 -13.96 -11.22 17.07
N MET A 103 -14.05 -10.74 18.31
CA MET A 103 -13.48 -9.46 18.70
C MET A 103 -12.91 -9.40 20.11
N GLY A 104 -12.08 -8.39 20.33
CA GLY A 104 -11.61 -8.03 21.66
C GLY A 104 -10.64 -8.98 22.33
N ILE A 105 -11.04 -9.47 23.49
CA ILE A 105 -10.16 -10.20 24.38
C ILE A 105 -10.18 -11.67 24.05
N ASN A 106 -11.28 -12.06 23.40
CA ASN A 106 -11.53 -13.38 22.85
C ASN A 106 -10.50 -13.83 21.79
N PRO A 107 -9.87 -15.00 22.02
CA PRO A 107 -8.76 -15.43 21.17
C PRO A 107 -9.14 -15.48 19.69
N PHE A 108 -8.24 -14.99 18.84
CA PHE A 108 -8.50 -14.92 17.39
C PHE A 108 -8.95 -16.30 16.86
N PHE A 109 -8.27 -17.35 17.29
CA PHE A 109 -8.55 -18.72 16.80
C PHE A 109 -9.90 -19.32 17.25
N ASP A 110 -10.53 -18.72 18.25
CA ASP A 110 -11.74 -19.31 18.84
C ASP A 110 -13.09 -18.81 18.31
N ALA A 111 -13.03 -17.84 17.40
CA ALA A 111 -14.23 -17.40 16.73
C ALA A 111 -14.71 -18.48 15.75
N PRO A 112 -15.88 -19.11 16.02
CA PRO A 112 -16.28 -20.09 15.02
C PRO A 112 -16.72 -19.41 13.72
N TYR A 113 -16.64 -20.14 12.61
CA TYR A 113 -16.88 -19.55 11.31
C TYR A 113 -18.31 -19.04 11.15
N ALA A 114 -19.24 -19.62 11.93
CA ALA A 114 -20.66 -19.27 11.86
C ALA A 114 -20.80 -17.81 12.23
N ASP A 115 -20.06 -17.40 13.25
CA ASP A 115 -19.99 -16.04 13.74
C ASP A 115 -19.24 -15.11 12.80
N VAL A 116 -18.10 -15.56 12.26
CA VAL A 116 -17.30 -14.76 11.33
C VAL A 116 -18.15 -14.51 10.08
N SER A 117 -18.74 -15.59 9.56
CA SER A 117 -19.64 -15.53 8.42
C SER A 117 -20.71 -14.43 8.58
N LYS A 118 -21.45 -14.45 9.70
CA LYS A 118 -22.47 -13.43 9.93
C LYS A 118 -21.87 -12.00 9.98
N GLY A 119 -20.70 -11.86 10.60
CA GLY A 119 -19.97 -10.60 10.62
C GLY A 119 -19.69 -10.07 9.22
N ILE A 120 -19.08 -10.94 8.41
CA ILE A 120 -18.77 -10.60 7.03
C ILE A 120 -20.03 -10.41 6.17
N HIS A 121 -21.13 -11.08 6.55
CA HIS A 121 -22.40 -10.98 5.81
C HIS A 121 -22.86 -9.55 5.90
N ILE A 122 -23.03 -9.11 7.14
CA ILE A 122 -23.54 -7.79 7.48
C ILE A 122 -22.51 -6.70 7.12
N SER A 123 -21.24 -6.94 7.45
CA SER A 123 -20.23 -5.90 7.32
C SER A 123 -19.68 -5.71 5.92
N ALA A 124 -19.43 -6.78 5.17
CA ALA A 124 -18.90 -6.69 3.79
C ALA A 124 -19.84 -7.03 2.65
N TYR A 125 -20.48 -8.20 2.74
CA TYR A 125 -21.35 -8.67 1.63
C TYR A 125 -22.51 -7.68 1.40
N SER A 126 -23.10 -7.20 2.50
CA SER A 126 -24.28 -6.35 2.40
C SER A 126 -24.03 -5.10 1.60
N TYR A 127 -22.77 -4.64 1.55
CA TYR A 127 -22.44 -3.47 0.73
C TYR A 127 -22.81 -3.75 -0.74
N ALA A 128 -22.37 -4.90 -1.26
CA ALA A 128 -22.70 -5.27 -2.63
C ALA A 128 -24.26 -5.46 -2.80
N SER A 129 -24.93 -6.03 -1.79
CA SER A 129 -26.35 -6.31 -1.94
C SER A 129 -27.24 -5.06 -1.82
N MET A 130 -26.78 -4.07 -1.06
CA MET A 130 -27.42 -2.75 -1.07
C MET A 130 -27.24 -2.08 -2.42
N ALA A 131 -26.06 -2.22 -3.01
CA ALA A 131 -25.82 -1.63 -4.32
C ALA A 131 -26.67 -2.32 -5.40
N LYS A 132 -26.76 -3.64 -5.33
CA LYS A 132 -27.57 -4.41 -6.26
C LYS A 132 -29.04 -3.96 -6.20
N ALA A 133 -29.56 -3.78 -4.98
CA ALA A 133 -30.93 -3.36 -4.77
C ALA A 133 -31.22 -1.94 -5.26
N LEU A 134 -30.22 -1.05 -5.16
CA LEU A 134 -30.46 0.38 -5.27
C LEU A 134 -29.91 1.06 -6.52
N LEU A 135 -28.85 0.53 -7.10
CA LEU A 135 -28.37 1.02 -8.39
C LEU A 135 -29.47 1.17 -9.45
N PRO A 136 -30.43 0.22 -9.53
CA PRO A 136 -31.59 0.38 -10.41
C PRO A 136 -32.40 1.66 -10.24
N ILE A 137 -32.30 2.32 -9.07
CA ILE A 137 -33.00 3.59 -8.83
C ILE A 137 -32.03 4.69 -8.40
N MET A 138 -30.84 4.71 -9.00
CA MET A 138 -29.95 5.85 -8.85
C MET A 138 -29.76 6.66 -10.13
N ASN A 139 -29.64 7.98 -9.98
CA ASN A 139 -29.37 8.85 -11.10
C ASN A 139 -27.91 8.74 -11.55
N PRO A 140 -27.63 8.91 -12.86
CA PRO A 140 -26.24 9.16 -13.28
C PRO A 140 -25.57 10.20 -12.38
N GLY A 141 -24.26 10.15 -12.24
CA GLY A 141 -23.59 11.09 -11.34
C GLY A 141 -23.84 10.84 -9.86
N GLY A 142 -24.63 9.81 -9.53
CA GLY A 142 -24.88 9.41 -8.15
C GLY A 142 -23.66 8.90 -7.39
N SER A 143 -23.87 8.52 -6.13
CA SER A 143 -22.75 8.16 -5.27
C SER A 143 -23.13 7.20 -4.15
N ILE A 144 -22.40 6.08 -4.10
CA ILE A 144 -22.50 5.14 -2.99
C ILE A 144 -21.26 5.23 -2.11
N VAL A 145 -21.47 5.29 -0.80
CA VAL A 145 -20.44 5.49 0.21
C VAL A 145 -20.65 4.54 1.37
N GLY A 146 -19.59 3.75 1.67
CA GLY A 146 -19.55 2.89 2.85
C GLY A 146 -18.47 3.32 3.84
N MET A 147 -18.51 2.72 5.02
CA MET A 147 -17.62 3.09 6.12
C MET A 147 -16.60 1.97 6.34
N ASP A 148 -15.34 2.38 6.44
CA ASP A 148 -14.22 1.47 6.53
C ASP A 148 -13.45 1.79 7.81
N PHE A 149 -12.68 0.82 8.28
CA PHE A 149 -11.65 1.08 9.29
C PHE A 149 -10.37 0.41 8.75
N ASP A 150 -9.37 1.22 8.42
CA ASP A 150 -8.16 0.74 7.70
C ASP A 150 -7.70 -0.66 8.19
N PRO A 151 -7.87 -1.70 7.35
CA PRO A 151 -7.48 -3.07 7.71
C PRO A 151 -6.13 -3.51 7.11
N SER A 152 -5.39 -2.55 6.54
CA SER A 152 -4.11 -2.87 5.91
C SER A 152 -3.05 -3.47 6.84
N ARG A 153 -3.15 -3.17 8.13
CA ARG A 153 -2.29 -3.76 9.16
C ARG A 153 -3.14 -4.31 10.28
N ALA A 154 -2.71 -5.43 10.85
CA ALA A 154 -3.38 -6.03 12.00
C ALA A 154 -3.13 -5.21 13.25
N MET A 155 -3.95 -5.46 14.28
CA MET A 155 -3.98 -4.62 15.45
C MET A 155 -4.73 -5.39 16.51
N PRO A 156 -4.49 -5.06 17.80
CA PRO A 156 -5.23 -5.80 18.83
C PRO A 156 -6.74 -5.56 18.74
N ALA A 157 -7.52 -6.48 19.32
CA ALA A 157 -9.00 -6.35 19.53
C ALA A 157 -9.91 -6.38 18.30
N TYR A 158 -9.50 -5.70 17.23
CA TYR A 158 -10.38 -5.52 16.09
C TYR A 158 -10.57 -6.82 15.35
N ASN A 159 -9.55 -7.68 15.43
CA ASN A 159 -9.60 -9.10 15.11
C ASN A 159 -10.33 -9.41 13.83
N TRP A 160 -11.38 -10.21 13.91
CA TRP A 160 -12.12 -10.61 12.72
C TRP A 160 -12.88 -9.44 12.02
N MET A 161 -13.20 -8.36 12.72
CA MET A 161 -13.73 -7.21 12.00
C MET A 161 -12.72 -6.68 10.98
N THR A 162 -11.43 -6.71 11.33
CA THR A 162 -10.40 -6.32 10.38
C THR A 162 -10.47 -7.14 9.07
N VAL A 163 -10.77 -8.44 9.19
CA VAL A 163 -10.94 -9.36 8.08
C VAL A 163 -12.17 -9.00 7.22
N ALA A 164 -13.29 -8.70 7.89
CA ALA A 164 -14.47 -8.06 7.28
C ALA A 164 -14.17 -6.78 6.47
N LYS A 165 -13.36 -5.87 7.02
CA LYS A 165 -13.06 -4.60 6.34
C LYS A 165 -12.14 -4.76 5.14
N SER A 166 -11.16 -5.66 5.24
CA SER A 166 -10.38 -6.07 4.09
C SER A 166 -11.32 -6.53 2.97
N ALA A 167 -12.23 -7.46 3.30
CA ALA A 167 -13.27 -7.94 2.33
C ALA A 167 -14.14 -6.80 1.74
N LEU A 168 -14.63 -5.91 2.61
CA LEU A 168 -15.36 -4.68 2.21
C LEU A 168 -14.61 -3.88 1.14
N GLU A 169 -13.35 -3.57 1.40
CA GLU A 169 -12.51 -2.82 0.47
C GLU A 169 -12.45 -3.51 -0.90
N SER A 170 -12.43 -4.84 -0.87
CA SER A 170 -12.44 -5.64 -2.07
C SER A 170 -13.82 -5.58 -2.75
N VAL A 171 -14.88 -5.65 -1.94
CA VAL A 171 -16.22 -5.53 -2.50
C VAL A 171 -16.43 -4.15 -3.13
N ASN A 172 -15.90 -3.12 -2.47
CA ASN A 172 -16.01 -1.74 -2.97
C ASN A 172 -15.42 -1.59 -4.39
N ARG A 173 -14.26 -2.23 -4.64
CA ARG A 173 -13.65 -2.18 -5.98
C ARG A 173 -14.52 -2.86 -7.03
N PHE A 174 -15.20 -3.94 -6.65
CA PHE A 174 -16.10 -4.63 -7.60
C PHE A 174 -17.41 -3.89 -7.77
N VAL A 175 -17.99 -3.39 -6.67
CA VAL A 175 -19.19 -2.53 -6.73
C VAL A 175 -18.96 -1.31 -7.63
N ALA A 176 -17.81 -0.67 -7.51
CA ALA A 176 -17.45 0.41 -8.45
C ALA A 176 -17.59 0.00 -9.92
N ARG A 177 -17.23 -1.24 -10.26
CA ARG A 177 -17.38 -1.71 -11.65
C ARG A 177 -18.83 -1.76 -12.10
N GLU A 178 -19.70 -2.28 -11.26
CA GLU A 178 -21.12 -2.38 -11.59
C GLU A 178 -21.78 -1.00 -11.70
N ALA A 179 -21.46 -0.16 -10.71
CA ALA A 179 -22.03 1.16 -10.53
C ALA A 179 -21.59 2.12 -11.64
N GLY A 180 -20.38 1.91 -12.17
CA GLY A 180 -19.84 2.76 -13.22
C GLY A 180 -20.75 2.76 -14.44
N LYS A 181 -21.47 1.65 -14.65
CA LYS A 181 -22.42 1.49 -15.78
C LYS A 181 -23.68 2.36 -15.61
N TYR A 182 -23.89 2.91 -14.42
CA TYR A 182 -25.05 3.76 -14.10
C TYR A 182 -24.64 5.21 -13.95
N GLY A 183 -23.37 5.50 -14.23
CA GLY A 183 -22.76 6.80 -13.97
C GLY A 183 -22.58 7.06 -12.48
N VAL A 184 -22.51 6.00 -11.68
CA VAL A 184 -22.51 6.10 -10.24
C VAL A 184 -21.14 5.75 -9.66
N ARG A 185 -20.70 6.51 -8.66
CA ARG A 185 -19.46 6.21 -7.95
C ARG A 185 -19.70 5.34 -6.71
N SER A 186 -18.64 4.65 -6.28
CA SER A 186 -18.68 3.84 -5.06
C SER A 186 -17.36 4.07 -4.37
N ASN A 187 -17.44 4.55 -3.15
CA ASN A 187 -16.25 4.77 -2.36
C ASN A 187 -16.52 4.45 -0.92
N LEU A 188 -15.44 4.34 -0.16
CA LEU A 188 -15.46 4.15 1.26
C LEU A 188 -14.84 5.31 1.92
N VAL A 189 -15.26 5.55 3.16
CA VAL A 189 -14.56 6.48 4.00
C VAL A 189 -13.94 5.66 5.12
N ALA A 190 -12.61 5.70 5.19
CA ALA A 190 -11.86 5.10 6.30
C ALA A 190 -11.78 6.10 7.43
N ALA A 191 -12.75 6.01 8.36
CA ALA A 191 -12.83 6.89 9.54
C ALA A 191 -11.79 6.50 10.61
N GLY A 192 -11.19 7.49 11.26
CA GLY A 192 -10.51 7.25 12.55
C GLY A 192 -11.56 6.80 13.60
N PRO A 193 -11.10 6.41 14.82
CA PRO A 193 -12.03 5.89 15.84
C PRO A 193 -12.97 6.97 16.38
N ILE A 194 -14.25 6.64 16.50
CA ILE A 194 -15.28 7.59 16.93
C ILE A 194 -16.08 6.98 18.09
N ARG A 195 -16.28 7.77 19.16
CA ARG A 195 -17.04 7.34 20.37
C ARG A 195 -18.51 7.07 20.04
N THR A 196 -18.70 6.03 19.27
CA THR A 196 -20.00 5.51 18.92
C THR A 196 -20.27 4.45 19.95
N LEU A 197 -21.41 3.78 19.82
CA LEU A 197 -21.72 2.76 20.80
C LEU A 197 -21.31 1.34 20.39
N ALA A 198 -20.91 1.18 19.13
CA ALA A 198 -20.54 -0.12 18.56
C ALA A 198 -19.38 -0.85 19.27
N MET A 199 -18.41 -0.13 19.80
CA MET A 199 -17.28 -0.78 20.50
C MET A 199 -17.51 -1.14 22.01
N SER A 200 -18.63 -0.66 22.56
CA SER A 200 -18.96 -0.69 24.00
C SER A 200 -18.84 -2.02 24.82
N ALA A 201 -19.55 -3.07 24.42
CA ALA A 201 -19.50 -4.34 25.16
C ALA A 201 -18.12 -5.01 25.14
N ILE A 202 -17.42 -4.86 24.01
CA ILE A 202 -16.06 -5.33 23.78
C ILE A 202 -15.07 -4.59 24.65
N VAL A 203 -15.37 -3.31 24.84
CA VAL A 203 -14.61 -2.41 25.67
C VAL A 203 -14.82 -2.77 27.14
N GLY A 204 -16.08 -3.03 27.51
CA GLY A 204 -16.43 -3.39 28.89
C GLY A 204 -15.87 -4.73 29.32
N GLY A 205 -15.79 -5.67 28.38
CA GLY A 205 -15.28 -7.01 28.62
C GLY A 205 -13.77 -7.06 28.84
N ALA A 206 -13.06 -6.19 28.14
CA ALA A 206 -11.60 -6.11 28.23
C ALA A 206 -11.12 -5.23 29.40
N LEU A 207 -12.07 -4.64 30.14
CA LEU A 207 -11.76 -3.64 31.17
C LEU A 207 -10.57 -4.03 32.06
N GLY A 208 -10.61 -5.24 32.62
CA GLY A 208 -9.54 -5.69 33.51
C GLY A 208 -8.26 -6.13 32.83
N GLU A 209 -8.36 -6.62 31.58
CA GLU A 209 -7.23 -7.29 30.92
C GLU A 209 -6.44 -6.39 29.94
N GLU A 210 -5.33 -6.96 29.43
CA GLU A 210 -4.57 -6.35 28.34
C GLU A 210 -5.48 -6.30 27.13
N ALA A 211 -5.32 -5.28 26.31
CA ALA A 211 -6.25 -5.04 25.19
C ALA A 211 -7.56 -4.43 25.67
N GLY A 212 -7.66 -4.20 26.97
CA GLY A 212 -8.42 -3.07 27.48
C GLY A 212 -7.44 -1.92 27.39
N ALA A 213 -6.23 -2.17 27.90
CA ALA A 213 -5.12 -1.23 27.81
C ALA A 213 -4.74 -1.03 26.34
N GLN A 214 -4.58 -2.14 25.62
CA GLN A 214 -4.19 -2.09 24.21
C GLN A 214 -5.17 -1.31 23.35
N ILE A 215 -6.47 -1.47 23.60
CA ILE A 215 -7.51 -0.70 22.88
C ILE A 215 -7.33 0.80 23.14
N GLN A 216 -7.14 1.16 24.41
CA GLN A 216 -6.90 2.55 24.78
C GLN A 216 -5.67 3.15 24.09
N LEU A 217 -4.59 2.38 24.07
CA LEU A 217 -3.34 2.78 23.44
C LEU A 217 -3.51 2.83 21.92
N LEU A 218 -4.24 1.87 21.39
CA LEU A 218 -4.53 1.83 19.96
C LEU A 218 -5.28 3.11 19.62
N GLU A 219 -6.41 3.33 20.31
CA GLU A 219 -7.23 4.51 20.15
C GLU A 219 -6.46 5.80 20.30
N GLU A 220 -5.63 5.92 21.34
CA GLU A 220 -4.94 7.20 21.63
C GLU A 220 -3.75 7.50 20.72
N GLY A 221 -3.26 6.47 20.05
CA GLY A 221 -2.25 6.64 19.00
C GLY A 221 -2.69 7.46 17.80
N TRP A 222 -4.00 7.51 17.52
CA TRP A 222 -4.52 8.26 16.36
C TRP A 222 -4.24 9.72 16.47
N ASP A 223 -4.66 10.33 17.58
CA ASP A 223 -4.40 11.74 17.83
C ASP A 223 -2.90 12.03 17.88
N GLN A 224 -2.13 11.06 18.38
CA GLN A 224 -0.68 11.16 18.40
C GLN A 224 -0.09 11.22 16.98
N ARG A 225 -0.51 10.29 16.12
CA ARG A 225 0.01 10.23 14.73
C ARG A 225 -0.54 11.37 13.88
N ALA A 226 -1.82 11.72 14.12
CA ALA A 226 -2.56 12.65 13.27
C ALA A 226 -1.94 14.04 13.24
N PRO A 227 -1.31 14.45 12.12
CA PRO A 227 -0.58 15.74 12.13
C PRO A 227 -1.48 16.97 12.35
N ILE A 228 -2.80 16.78 12.26
CA ILE A 228 -3.78 17.78 12.62
C ILE A 228 -4.67 17.34 13.79
N GLY A 229 -4.33 16.23 14.44
CA GLY A 229 -5.03 15.85 15.66
C GLY A 229 -6.23 14.97 15.37
N TRP A 230 -6.65 14.20 16.35
CA TRP A 230 -7.86 13.44 16.18
C TRP A 230 -8.66 13.48 17.45
N ASN A 231 -9.97 13.60 17.31
CA ASN A 231 -10.84 13.74 18.45
C ASN A 231 -12.02 12.76 18.31
N MET A 232 -11.96 11.68 19.10
CA MET A 232 -12.92 10.59 19.02
C MET A 232 -14.35 11.00 19.38
N LYS A 233 -14.53 12.08 20.14
CA LYS A 233 -15.88 12.52 20.56
C LYS A 233 -16.56 13.33 19.43
N ASP A 234 -15.80 13.66 18.39
CA ASP A 234 -16.30 14.56 17.37
C ASP A 234 -16.48 13.87 16.03
N ALA A 235 -17.72 13.45 15.73
CA ALA A 235 -18.07 12.74 14.49
C ALA A 235 -18.22 13.58 13.22
N THR A 236 -18.21 14.90 13.33
CA THR A 236 -18.56 15.73 12.19
C THR A 236 -17.53 15.85 11.06
N PRO A 237 -16.20 15.83 11.38
CA PRO A 237 -15.24 15.67 10.28
C PRO A 237 -15.45 14.42 9.38
N VAL A 238 -15.92 13.30 9.95
CA VAL A 238 -16.17 12.14 9.08
C VAL A 238 -17.48 12.25 8.30
N ALA A 239 -18.51 12.82 8.93
CA ALA A 239 -19.82 13.10 8.27
C ALA A 239 -19.66 14.03 7.10
N LYS A 240 -18.78 15.02 7.26
CA LYS A 240 -18.43 15.93 6.20
C LYS A 240 -17.74 15.23 5.00
N THR A 241 -16.74 14.38 5.31
CA THR A 241 -15.96 13.72 4.28
C THR A 241 -16.92 12.87 3.45
N VAL A 242 -17.83 12.20 4.16
CA VAL A 242 -18.85 11.40 3.53
C VAL A 242 -19.71 12.26 2.59
N CYS A 243 -20.21 13.40 3.08
CA CYS A 243 -20.99 14.33 2.25
C CYS A 243 -20.19 14.82 1.05
N ALA A 244 -18.91 15.10 1.28
CA ALA A 244 -18.00 15.44 0.22
C ALA A 244 -18.09 14.40 -0.91
N LEU A 245 -18.15 13.11 -0.56
CA LEU A 245 -18.17 12.05 -1.57
C LEU A 245 -19.51 11.89 -2.25
N LEU A 246 -20.56 12.22 -1.49
CA LEU A 246 -21.93 12.25 -1.97
C LEU A 246 -22.18 13.41 -2.95
N SER A 247 -21.35 14.45 -2.87
CA SER A 247 -21.49 15.68 -3.65
C SER A 247 -20.87 15.51 -5.02
N ASP A 248 -20.79 16.60 -5.77
CA ASP A 248 -20.26 16.56 -7.14
C ASP A 248 -18.81 16.98 -7.18
N TRP A 249 -18.24 17.23 -6.01
CA TRP A 249 -16.90 17.78 -5.91
C TRP A 249 -15.75 16.79 -5.90
N LEU A 250 -16.11 15.52 -6.01
CA LEU A 250 -15.15 14.42 -6.19
C LEU A 250 -15.60 13.55 -7.37
N PRO A 251 -15.73 14.17 -8.56
CA PRO A 251 -16.44 13.50 -9.65
C PRO A 251 -15.64 12.37 -10.30
N ALA A 252 -14.32 12.37 -10.06
CA ALA A 252 -13.41 11.44 -10.72
C ALA A 252 -12.92 10.31 -9.80
N THR A 253 -13.59 10.07 -8.67
CA THR A 253 -13.08 9.01 -7.78
C THR A 253 -14.10 7.93 -7.46
N THR A 254 -13.75 6.67 -7.81
CA THR A 254 -14.54 5.45 -7.49
C THR A 254 -13.61 4.30 -7.21
N GLY A 255 -14.16 3.27 -6.59
CA GLY A 255 -13.41 2.07 -6.26
C GLY A 255 -12.39 2.37 -5.20
N ASP A 256 -12.55 3.54 -4.58
CA ASP A 256 -11.49 4.12 -3.75
C ASP A 256 -11.89 4.27 -2.26
N ILE A 257 -10.96 4.79 -1.49
CA ILE A 257 -11.08 4.90 -0.03
C ILE A 257 -10.55 6.28 0.34
N ILE A 258 -11.39 7.09 0.99
CA ILE A 258 -10.91 8.37 1.51
C ILE A 258 -10.73 8.27 3.02
N TYR A 259 -9.55 8.68 3.49
CA TYR A 259 -9.21 8.57 4.90
C TYR A 259 -9.54 9.84 5.62
N ALA A 260 -10.54 9.74 6.49
CA ALA A 260 -10.91 10.85 7.36
C ALA A 260 -10.44 10.46 8.76
N ASP A 261 -9.17 10.73 9.05
CA ASP A 261 -8.53 10.14 10.22
C ASP A 261 -7.45 11.05 10.75
N GLY A 262 -7.41 12.28 10.25
CA GLY A 262 -6.46 13.25 10.77
C GLY A 262 -5.08 13.13 10.17
N GLY A 263 -4.94 12.32 9.13
CA GLY A 263 -3.63 11.96 8.55
C GLY A 263 -2.86 10.83 9.25
N ALA A 264 -3.48 10.25 10.27
CA ALA A 264 -2.87 9.23 11.12
C ALA A 264 -2.22 8.06 10.38
N HIS A 265 -2.85 7.62 9.28
CA HIS A 265 -2.42 6.42 8.58
C HIS A 265 -1.23 6.70 7.68
N THR A 266 -0.86 7.98 7.57
CA THR A 266 0.24 8.45 6.70
C THR A 266 1.53 8.70 7.50
N GLN A 267 1.44 8.44 8.81
CA GLN A 267 2.48 8.70 9.80
C GLN A 267 2.76 7.47 10.71
N LEU A 268 4.03 7.26 11.00
CA LEU A 268 4.46 6.09 11.75
C LEU A 268 4.48 6.43 13.24
N LEU A 269 4.89 7.66 13.54
CA LEU A 269 4.57 8.33 14.81
C LEU A 269 4.93 9.84 14.75
N THR B 2 24.18 -29.19 1.81
CA THR B 2 23.20 -28.88 0.72
C THR B 2 21.87 -29.58 0.97
N GLY B 3 20.81 -29.04 0.38
CA GLY B 3 19.44 -29.40 0.73
C GLY B 3 18.88 -28.24 1.52
N LEU B 4 18.23 -27.31 0.83
CA LEU B 4 17.65 -26.10 1.46
C LEU B 4 16.77 -26.36 2.68
N LEU B 5 16.15 -27.53 2.71
CA LEU B 5 15.11 -27.88 3.65
C LEU B 5 15.51 -29.17 4.33
N ASP B 6 16.82 -29.36 4.40
CA ASP B 6 17.43 -30.52 4.98
C ASP B 6 16.95 -30.69 6.41
N GLY B 7 16.33 -31.84 6.68
CA GLY B 7 15.87 -32.17 8.04
C GLY B 7 14.52 -31.59 8.45
N LYS B 8 13.98 -30.63 7.71
CA LYS B 8 12.70 -30.09 8.07
C LYS B 8 11.58 -31.12 7.86
N ARG B 9 10.59 -31.05 8.71
CA ARG B 9 9.38 -31.86 8.63
C ARG B 9 8.21 -30.91 8.25
N ILE B 10 7.53 -31.23 7.16
CA ILE B 10 6.65 -30.27 6.52
C ILE B 10 5.30 -30.86 6.07
N LEU B 11 4.24 -30.20 6.52
CA LEU B 11 2.88 -30.50 6.09
C LEU B 11 2.56 -29.70 4.81
N VAL B 12 2.14 -30.41 3.76
CA VAL B 12 1.69 -29.75 2.56
C VAL B 12 0.25 -30.18 2.34
N SER B 13 -0.65 -29.20 2.33
CA SER B 13 -2.01 -29.42 1.92
C SER B 13 -2.18 -29.01 0.46
N GLY B 14 -3.24 -29.55 -0.16
CA GLY B 14 -3.78 -29.02 -1.40
C GLY B 14 -3.46 -29.72 -2.71
N ILE B 15 -2.95 -30.95 -2.65
CA ILE B 15 -2.62 -31.67 -3.89
C ILE B 15 -3.88 -32.37 -4.40
N ILE B 16 -4.23 -32.15 -5.66
CA ILE B 16 -5.35 -32.88 -6.21
C ILE B 16 -4.96 -33.54 -7.51
N THR B 17 -4.09 -32.88 -8.27
CA THR B 17 -3.47 -33.48 -9.45
C THR B 17 -1.99 -33.13 -9.40
N ASP B 18 -1.26 -33.51 -10.45
CA ASP B 18 0.18 -33.28 -10.50
C ASP B 18 0.48 -31.94 -11.17
N SER B 19 -0.60 -31.23 -11.52
CA SER B 19 -0.53 -29.84 -11.94
C SER B 19 -0.73 -28.86 -10.77
N SER B 20 -1.18 -29.38 -9.63
CA SER B 20 -1.42 -28.56 -8.44
C SER B 20 -0.16 -27.83 -8.04
N ILE B 21 -0.30 -26.58 -7.63
CA ILE B 21 0.84 -25.87 -7.07
C ILE B 21 1.43 -26.68 -5.90
N ALA B 22 0.57 -27.23 -5.06
CA ALA B 22 1.01 -27.99 -3.91
C ALA B 22 1.85 -29.22 -4.28
N PHE B 23 1.58 -29.83 -5.44
CA PHE B 23 2.34 -31.00 -5.88
C PHE B 23 3.78 -30.60 -6.16
N HIS B 24 3.94 -29.49 -6.87
CA HIS B 24 5.24 -28.94 -7.19
C HIS B 24 5.99 -28.44 -5.96
N ILE B 25 5.25 -27.84 -5.02
CA ILE B 25 5.84 -27.44 -3.76
C ILE B 25 6.40 -28.65 -3.05
N ALA B 26 5.65 -29.75 -3.08
CA ALA B 26 6.06 -30.98 -2.39
C ALA B 26 7.28 -31.64 -3.07
N ARG B 27 7.24 -31.74 -4.40
CA ARG B 27 8.38 -32.26 -5.17
C ARG B 27 9.62 -31.47 -4.85
N VAL B 28 9.58 -30.13 -5.02
CA VAL B 28 10.80 -29.33 -4.78
C VAL B 28 11.26 -29.54 -3.34
N ALA B 29 10.31 -29.54 -2.41
CA ALA B 29 10.61 -29.68 -0.98
C ALA B 29 11.34 -31.00 -0.66
N GLN B 30 10.84 -32.10 -1.22
CA GLN B 30 11.49 -33.42 -1.14
C GLN B 30 12.83 -33.44 -1.87
N GLU B 31 12.95 -32.74 -2.99
CA GLU B 31 14.27 -32.66 -3.64
C GLU B 31 15.27 -31.97 -2.70
N GLN B 32 14.77 -31.18 -1.76
CA GLN B 32 15.64 -30.39 -0.90
C GLN B 32 15.78 -30.97 0.50
N GLY B 33 15.35 -32.22 0.68
CA GLY B 33 15.63 -32.95 1.89
C GLY B 33 14.51 -32.90 2.92
N ALA B 34 13.40 -32.25 2.60
CA ALA B 34 12.27 -32.19 3.51
C ALA B 34 11.55 -33.54 3.57
N GLN B 35 11.07 -33.91 4.75
CA GLN B 35 10.17 -35.03 4.79
C GLN B 35 8.76 -34.57 5.09
N LEU B 36 7.83 -35.08 4.30
CA LEU B 36 6.54 -34.50 4.19
C LEU B 36 5.47 -35.32 4.83
N VAL B 37 4.43 -34.60 5.22
CA VAL B 37 3.13 -35.14 5.56
C VAL B 37 2.21 -34.39 4.61
N LEU B 38 1.29 -35.11 3.96
CA LEU B 38 0.39 -34.53 2.98
C LEU B 38 -1.04 -34.61 3.48
N THR B 39 -1.86 -33.64 3.10
CA THR B 39 -3.28 -33.77 3.36
C THR B 39 -4.09 -33.71 2.08
N GLY B 40 -5.20 -34.47 2.05
CA GLY B 40 -6.09 -34.52 0.89
C GLY B 40 -7.56 -34.35 1.25
N PHE B 41 -8.35 -33.83 0.32
CA PHE B 41 -9.71 -33.42 0.65
C PHE B 41 -10.76 -34.55 0.59
N ASP B 42 -11.04 -35.02 -0.61
CA ASP B 42 -12.28 -35.74 -0.89
C ASP B 42 -11.99 -37.08 -1.58
N ARG B 43 -11.02 -37.07 -2.48
CA ARG B 43 -10.71 -38.23 -3.31
C ARG B 43 -9.34 -38.79 -2.93
N LEU B 44 -9.28 -39.52 -1.82
CA LEU B 44 -7.99 -39.89 -1.23
C LEU B 44 -7.25 -41.01 -1.93
N ARG B 45 -7.98 -41.99 -2.46
CA ARG B 45 -7.40 -43.07 -3.25
C ARG B 45 -6.75 -42.47 -4.50
N LEU B 46 -7.43 -41.51 -5.11
CA LEU B 46 -6.94 -40.83 -6.30
C LEU B 46 -5.73 -39.95 -6.04
N ILE B 47 -5.72 -39.35 -4.85
CA ILE B 47 -4.67 -38.42 -4.44
C ILE B 47 -3.41 -39.20 -4.11
N GLN B 48 -3.59 -40.38 -3.51
CA GLN B 48 -2.46 -41.27 -3.22
C GLN B 48 -1.81 -41.71 -4.52
N ARG B 49 -2.65 -42.04 -5.49
CA ARG B 49 -2.25 -42.29 -6.88
C ARG B 49 -1.35 -41.16 -7.38
N ILE B 50 -1.80 -39.92 -7.20
CA ILE B 50 -1.03 -38.74 -7.62
C ILE B 50 0.27 -38.55 -6.80
N THR B 51 0.20 -38.70 -5.49
CA THR B 51 1.36 -38.43 -4.65
C THR B 51 2.42 -39.56 -4.70
N ASP B 52 2.10 -40.65 -5.41
CA ASP B 52 3.02 -41.73 -5.61
C ASP B 52 4.00 -41.32 -6.67
N ARG B 53 3.63 -40.28 -7.43
CA ARG B 53 4.45 -39.78 -8.50
C ARG B 53 5.52 -38.80 -8.00
N LEU B 54 5.55 -38.52 -6.70
CA LEU B 54 6.59 -37.68 -6.08
C LEU B 54 7.87 -38.50 -5.85
N PRO B 55 9.04 -37.83 -5.68
CA PRO B 55 10.30 -38.55 -5.42
C PRO B 55 10.32 -39.45 -4.17
N ALA B 56 9.61 -39.08 -3.11
CA ALA B 56 9.60 -39.89 -1.91
C ALA B 56 8.18 -40.10 -1.35
N LYS B 57 8.09 -41.00 -0.38
CA LYS B 57 6.87 -41.30 0.37
C LYS B 57 6.52 -40.22 1.39
N ALA B 58 5.23 -40.11 1.68
CA ALA B 58 4.72 -39.13 2.61
C ALA B 58 3.37 -39.63 3.08
N PRO B 59 3.16 -39.75 4.41
CA PRO B 59 1.84 -40.14 4.87
C PRO B 59 0.81 -39.18 4.28
N LEU B 60 -0.34 -39.72 3.96
CA LEU B 60 -1.40 -38.95 3.35
C LEU B 60 -2.59 -38.97 4.28
N LEU B 61 -2.92 -37.81 4.83
CA LEU B 61 -4.04 -37.70 5.77
C LEU B 61 -5.22 -36.95 5.15
N GLU B 62 -6.43 -37.41 5.46
CA GLU B 62 -7.66 -36.70 5.06
C GLU B 62 -7.87 -35.42 5.88
N LEU B 63 -8.16 -34.34 5.17
CA LEU B 63 -8.51 -33.08 5.79
C LEU B 63 -9.48 -32.31 4.89
N ASP B 64 -10.73 -32.26 5.34
CA ASP B 64 -11.71 -31.32 4.82
C ASP B 64 -11.65 -30.20 5.83
N VAL B 65 -11.26 -29.05 5.32
CA VAL B 65 -10.95 -27.89 6.08
C VAL B 65 -12.25 -27.32 6.71
N GLN B 66 -13.40 -27.71 6.13
CA GLN B 66 -14.72 -27.34 6.63
C GLN B 66 -15.24 -28.31 7.70
N ASN B 67 -14.64 -29.49 7.77
CA ASN B 67 -14.98 -30.50 8.75
C ASN B 67 -14.21 -30.25 10.04
N GLU B 68 -14.94 -30.00 11.11
CA GLU B 68 -14.39 -29.57 12.37
C GLU B 68 -13.74 -30.70 13.19
N GLU B 69 -14.25 -31.93 13.04
CA GLU B 69 -13.64 -33.06 13.73
C GLU B 69 -12.30 -33.48 13.08
N HIS B 70 -12.20 -33.26 11.77
CA HIS B 70 -10.91 -33.38 11.06
C HIS B 70 -9.87 -32.44 11.64
N LEU B 71 -10.25 -31.17 11.90
CA LEU B 71 -9.33 -30.22 12.50
C LEU B 71 -8.91 -30.57 13.91
N ALA B 72 -9.87 -31.05 14.69
CA ALA B 72 -9.59 -31.39 16.07
C ALA B 72 -8.59 -32.55 16.17
N SER B 73 -8.61 -33.46 15.20
CA SER B 73 -7.75 -34.67 15.28
C SER B 73 -6.39 -34.51 14.56
N LEU B 74 -6.37 -33.61 13.58
CA LEU B 74 -5.18 -33.33 12.76
C LEU B 74 -3.84 -33.44 13.47
N ALA B 75 -3.64 -32.72 14.57
CA ALA B 75 -2.34 -32.65 15.22
C ALA B 75 -1.90 -34.01 15.79
N GLY B 76 -2.85 -34.76 16.32
CA GLY B 76 -2.58 -36.10 16.87
C GLY B 76 -2.20 -37.03 15.73
N ARG B 77 -3.03 -37.04 14.70
CA ARG B 77 -2.75 -37.79 13.48
C ARG B 77 -1.38 -37.49 12.87
N VAL B 78 -1.04 -36.20 12.75
CA VAL B 78 0.27 -35.76 12.27
C VAL B 78 1.43 -36.20 13.14
N THR B 79 1.27 -36.11 14.48
CA THR B 79 2.36 -36.55 15.35
C THR B 79 2.62 -38.07 15.32
N GLU B 80 1.60 -38.88 15.02
CA GLU B 80 1.77 -40.33 14.77
C GLU B 80 2.50 -40.59 13.47
N ALA B 81 2.20 -39.73 12.47
CA ALA B 81 2.84 -39.79 11.18
C ALA B 81 4.34 -39.52 11.28
N ILE B 82 4.71 -38.50 12.04
CA ILE B 82 6.12 -38.08 12.12
C ILE B 82 6.88 -38.67 13.29
N GLY B 83 6.17 -39.32 14.21
CA GLY B 83 6.78 -40.02 15.33
C GLY B 83 6.92 -39.20 16.60
N ALA B 84 6.98 -39.90 17.73
CA ALA B 84 7.08 -39.28 19.05
C ALA B 84 8.29 -38.35 19.15
N GLY B 85 8.08 -37.20 19.82
CA GLY B 85 9.13 -36.18 20.04
C GLY B 85 9.50 -35.35 18.84
N ASN B 86 8.88 -35.65 17.70
CA ASN B 86 9.08 -34.85 16.49
C ASN B 86 8.00 -33.76 16.31
N LYS B 87 8.40 -32.64 15.72
CA LYS B 87 7.50 -31.50 15.49
C LYS B 87 7.56 -31.07 14.04
N LEU B 88 6.57 -30.29 13.61
CA LEU B 88 6.57 -29.75 12.27
C LEU B 88 7.38 -28.49 12.23
N ASP B 89 8.18 -28.34 11.18
CA ASP B 89 8.93 -27.11 10.89
C ASP B 89 8.19 -26.22 9.90
N GLY B 90 7.20 -26.80 9.22
CA GLY B 90 6.57 -26.11 8.13
C GLY B 90 5.16 -26.56 7.79
N VAL B 91 4.35 -25.62 7.34
CA VAL B 91 2.96 -25.90 6.94
C VAL B 91 2.70 -25.14 5.70
N VAL B 92 2.23 -25.84 4.68
CA VAL B 92 1.81 -25.20 3.46
C VAL B 92 0.32 -25.33 3.23
N HIS B 93 -0.32 -24.17 3.12
CA HIS B 93 -1.75 -24.05 2.88
C HIS B 93 -1.91 -23.64 1.41
N SER B 94 -2.43 -24.56 0.62
CA SER B 94 -2.53 -24.36 -0.82
C SER B 94 -3.90 -24.86 -1.23
N ILE B 95 -4.89 -24.37 -0.50
CA ILE B 95 -6.27 -24.73 -0.71
C ILE B 95 -7.11 -23.47 -0.98
N GLY B 96 -8.12 -23.63 -1.85
CA GLY B 96 -9.00 -22.54 -2.27
C GLY B 96 -10.20 -23.15 -2.97
N PHE B 97 -11.32 -22.44 -2.91
CA PHE B 97 -12.55 -22.81 -3.61
C PHE B 97 -13.55 -21.66 -3.63
N MET B 98 -14.21 -21.47 -4.77
CA MET B 98 -15.33 -20.57 -4.84
C MET B 98 -16.38 -21.18 -5.73
N PRO B 99 -17.64 -21.25 -5.26
CA PRO B 99 -18.71 -21.66 -6.19
C PRO B 99 -18.69 -20.84 -7.50
N GLN B 100 -19.14 -21.46 -8.59
CA GLN B 100 -19.07 -20.87 -9.92
C GLN B 100 -19.89 -19.57 -9.99
N THR B 101 -20.95 -19.55 -9.19
CA THR B 101 -21.73 -18.34 -8.87
C THR B 101 -20.90 -17.08 -8.46
N GLY B 102 -19.78 -17.27 -7.76
CA GLY B 102 -18.95 -16.14 -7.37
C GLY B 102 -17.83 -15.82 -8.34
N MET B 103 -17.90 -16.37 -9.55
CA MET B 103 -16.76 -16.35 -10.42
C MET B 103 -17.08 -16.26 -11.89
N GLY B 104 -16.07 -15.85 -12.65
CA GLY B 104 -16.12 -15.78 -14.09
C GLY B 104 -17.18 -14.86 -14.63
N ILE B 105 -18.18 -15.49 -15.25
CA ILE B 105 -19.23 -14.82 -16.02
C ILE B 105 -20.51 -14.53 -15.23
N ASN B 106 -20.80 -15.29 -14.17
CA ASN B 106 -21.96 -14.99 -13.30
C ASN B 106 -21.80 -13.58 -12.85
N PRO B 107 -22.83 -12.74 -13.05
CA PRO B 107 -22.86 -11.38 -12.52
C PRO B 107 -22.42 -11.36 -11.06
N PHE B 108 -21.47 -10.48 -10.75
CA PHE B 108 -20.99 -10.29 -9.37
C PHE B 108 -22.12 -10.28 -8.34
N PHE B 109 -23.18 -9.52 -8.63
CA PHE B 109 -24.26 -9.28 -7.68
C PHE B 109 -25.13 -10.50 -7.51
N ASP B 110 -24.98 -11.47 -8.40
CA ASP B 110 -25.90 -12.63 -8.39
C ASP B 110 -25.43 -13.80 -7.54
N ALA B 111 -24.28 -13.65 -6.89
CA ALA B 111 -23.76 -14.65 -5.97
C ALA B 111 -24.50 -14.64 -4.63
N PRO B 112 -25.22 -15.75 -4.28
CA PRO B 112 -25.82 -15.83 -2.95
C PRO B 112 -24.72 -15.82 -1.90
N TYR B 113 -25.03 -15.28 -0.71
CA TYR B 113 -24.07 -15.25 0.39
C TYR B 113 -23.62 -16.64 0.87
N ALA B 114 -24.50 -17.64 0.83
CA ALA B 114 -24.11 -19.03 1.14
C ALA B 114 -22.90 -19.52 0.28
N ASP B 115 -22.90 -19.18 -1.01
CA ASP B 115 -21.79 -19.53 -1.92
C ASP B 115 -20.53 -18.76 -1.57
N VAL B 116 -20.67 -17.45 -1.40
CA VAL B 116 -19.61 -16.57 -0.97
C VAL B 116 -19.01 -16.98 0.36
N SER B 117 -19.87 -17.30 1.32
CA SER B 117 -19.45 -17.72 2.64
C SER B 117 -18.70 -19.03 2.62
N LYS B 118 -19.14 -19.97 1.79
CA LYS B 118 -18.40 -21.23 1.57
C LYS B 118 -16.99 -21.02 1.01
N GLY B 119 -16.87 -20.21 -0.05
CA GLY B 119 -15.57 -19.86 -0.63
C GLY B 119 -14.63 -19.17 0.37
N ILE B 120 -15.20 -18.33 1.24
CA ILE B 120 -14.43 -17.63 2.25
C ILE B 120 -13.96 -18.56 3.38
N HIS B 121 -14.87 -19.43 3.82
CA HIS B 121 -14.58 -20.48 4.82
C HIS B 121 -13.40 -21.32 4.37
N ILE B 122 -13.48 -21.81 3.14
CA ILE B 122 -12.44 -22.64 2.55
C ILE B 122 -11.17 -21.87 2.19
N SER B 123 -11.31 -20.71 1.56
CA SER B 123 -10.16 -20.00 1.01
C SER B 123 -9.44 -19.07 1.99
N ALA B 124 -10.14 -18.58 3.02
CA ALA B 124 -9.55 -17.61 3.98
C ALA B 124 -9.59 -18.01 5.47
N TYR B 125 -10.74 -18.42 5.97
CA TYR B 125 -10.82 -18.68 7.41
C TYR B 125 -9.95 -19.91 7.73
N SER B 126 -9.94 -20.88 6.84
CA SER B 126 -9.21 -22.15 7.05
C SER B 126 -7.71 -21.99 7.22
N TYR B 127 -7.18 -20.86 6.77
CA TYR B 127 -5.77 -20.60 6.97
C TYR B 127 -5.54 -20.42 8.45
N ALA B 128 -6.51 -19.78 9.11
CA ALA B 128 -6.52 -19.62 10.57
C ALA B 128 -6.77 -20.94 11.31
N SER B 129 -7.71 -21.75 10.85
CA SER B 129 -7.97 -22.98 11.60
C SER B 129 -6.86 -24.03 11.45
N MET B 130 -6.18 -24.06 10.30
CA MET B 130 -5.00 -24.90 10.12
C MET B 130 -3.87 -24.46 11.05
N ALA B 131 -3.61 -23.14 11.08
CA ALA B 131 -2.65 -22.55 12.01
C ALA B 131 -2.95 -22.87 13.48
N LYS B 132 -4.23 -22.78 13.83
CA LYS B 132 -4.72 -23.16 15.15
C LYS B 132 -4.43 -24.63 15.49
N ALA B 133 -4.96 -25.55 14.70
CA ALA B 133 -4.66 -26.97 14.79
C ALA B 133 -3.17 -27.30 14.83
N LEU B 134 -2.35 -26.58 14.06
CA LEU B 134 -0.95 -27.02 13.88
C LEU B 134 0.15 -26.33 14.69
N LEU B 135 0.01 -25.05 15.00
CA LEU B 135 1.02 -24.34 15.82
C LEU B 135 1.44 -25.03 17.15
N PRO B 136 0.52 -25.72 17.84
CA PRO B 136 0.99 -26.39 19.06
C PRO B 136 1.98 -27.54 18.81
N ILE B 137 2.07 -28.04 17.57
CA ILE B 137 3.08 -29.03 17.21
C ILE B 137 4.17 -28.47 16.27
N MET B 138 4.34 -27.15 16.25
CA MET B 138 5.44 -26.59 15.45
C MET B 138 6.62 -26.14 16.28
N ASN B 139 7.80 -26.24 15.67
CA ASN B 139 9.05 -25.76 16.22
C ASN B 139 9.20 -24.24 16.05
N PRO B 140 9.87 -23.57 17.04
CA PRO B 140 10.20 -22.18 16.83
C PRO B 140 11.11 -22.14 15.61
N GLY B 141 11.08 -21.02 14.88
CA GLY B 141 11.82 -20.92 13.63
C GLY B 141 10.98 -21.44 12.49
N GLY B 142 9.90 -22.14 12.81
CA GLY B 142 8.99 -22.73 11.80
C GLY B 142 8.30 -21.73 10.90
N SER B 143 7.49 -22.21 9.97
CA SER B 143 7.01 -21.38 8.87
C SER B 143 5.69 -21.90 8.32
N ILE B 144 4.68 -21.03 8.26
CA ILE B 144 3.40 -21.37 7.64
C ILE B 144 3.26 -20.49 6.43
N VAL B 145 2.80 -21.06 5.31
CA VAL B 145 2.80 -20.36 4.04
C VAL B 145 1.50 -20.67 3.38
N GLY B 146 0.79 -19.63 2.94
CA GLY B 146 -0.43 -19.82 2.16
C GLY B 146 -0.26 -19.24 0.78
N MET B 147 -1.16 -19.59 -0.13
CA MET B 147 -1.10 -19.09 -1.49
C MET B 147 -2.09 -17.96 -1.72
N ASP B 148 -1.59 -16.90 -2.34
CA ASP B 148 -2.37 -15.71 -2.61
C ASP B 148 -2.35 -15.41 -4.10
N PHE B 149 -3.29 -14.59 -4.54
CA PHE B 149 -3.30 -13.97 -5.86
C PHE B 149 -3.75 -12.54 -5.63
N ASP B 150 -2.87 -11.58 -5.96
CA ASP B 150 -2.98 -10.15 -5.60
C ASP B 150 -4.37 -9.53 -5.85
N PRO B 151 -5.14 -9.31 -4.76
CA PRO B 151 -6.48 -8.74 -4.85
C PRO B 151 -6.53 -7.22 -4.55
N SER B 152 -5.37 -6.57 -4.51
CA SER B 152 -5.29 -5.12 -4.27
C SER B 152 -6.14 -4.30 -5.28
N ARG B 153 -6.31 -4.83 -6.50
CA ARG B 153 -7.18 -4.21 -7.51
C ARG B 153 -8.26 -5.17 -8.03
N ALA B 154 -9.45 -4.65 -8.29
CA ALA B 154 -10.50 -5.43 -8.96
C ALA B 154 -10.08 -5.81 -10.38
N MET B 155 -10.68 -6.88 -10.91
CA MET B 155 -10.30 -7.42 -12.19
C MET B 155 -11.44 -8.29 -12.74
N PRO B 156 -11.48 -8.49 -14.06
CA PRO B 156 -12.52 -9.40 -14.60
C PRO B 156 -12.39 -10.84 -14.09
N ALA B 157 -13.52 -11.55 -14.04
CA ALA B 157 -13.55 -13.02 -13.84
C ALA B 157 -13.30 -13.54 -12.42
N TYR B 158 -12.25 -13.03 -11.77
CA TYR B 158 -11.86 -13.50 -10.43
C TYR B 158 -12.91 -13.18 -9.37
N ASN B 159 -13.62 -12.05 -9.58
CA ASN B 159 -14.84 -11.67 -8.84
C ASN B 159 -14.75 -11.89 -7.33
N TRP B 160 -15.53 -12.83 -6.82
CA TRP B 160 -15.63 -13.04 -5.36
C TRP B 160 -14.47 -13.83 -4.73
N MET B 161 -13.64 -14.51 -5.54
CA MET B 161 -12.35 -15.02 -5.06
C MET B 161 -11.44 -13.84 -4.69
N THR B 162 -11.47 -12.78 -5.49
CA THR B 162 -10.71 -11.57 -5.16
C THR B 162 -11.04 -11.18 -3.72
N VAL B 163 -12.33 -11.19 -3.39
CA VAL B 163 -12.76 -10.85 -2.05
C VAL B 163 -12.17 -11.85 -1.01
N ALA B 164 -12.23 -13.13 -1.35
CA ALA B 164 -11.73 -14.18 -0.49
C ALA B 164 -10.21 -14.01 -0.26
N LYS B 165 -9.50 -13.50 -1.28
CA LYS B 165 -8.08 -13.27 -1.16
C LYS B 165 -7.74 -12.08 -0.30
N SER B 166 -8.51 -10.99 -0.46
CA SER B 166 -8.35 -9.83 0.41
C SER B 166 -8.55 -10.28 1.86
N ALA B 167 -9.58 -11.07 2.11
CA ALA B 167 -9.82 -11.67 3.42
C ALA B 167 -8.60 -12.46 3.93
N LEU B 168 -8.06 -13.32 3.06
CA LEU B 168 -6.91 -14.17 3.34
C LEU B 168 -5.68 -13.36 3.77
N GLU B 169 -5.43 -12.28 3.05
CA GLU B 169 -4.33 -11.35 3.36
C GLU B 169 -4.48 -10.76 4.74
N SER B 170 -5.72 -10.47 5.14
CA SER B 170 -5.99 -9.95 6.49
C SER B 170 -5.77 -11.04 7.56
N VAL B 171 -6.27 -12.24 7.30
CA VAL B 171 -6.12 -13.39 8.20
C VAL B 171 -4.63 -13.72 8.44
N ASN B 172 -3.85 -13.75 7.37
CA ASN B 172 -2.41 -13.99 7.45
C ASN B 172 -1.77 -13.08 8.49
N ARG B 173 -2.15 -11.81 8.51
CA ARG B 173 -1.53 -10.87 9.43
C ARG B 173 -1.88 -11.12 10.89
N PHE B 174 -3.07 -11.64 11.15
CA PHE B 174 -3.45 -12.05 12.51
C PHE B 174 -2.89 -13.42 12.80
N VAL B 175 -2.82 -14.29 11.81
CA VAL B 175 -2.14 -15.58 11.99
C VAL B 175 -0.68 -15.34 12.41
N ALA B 176 -0.02 -14.34 11.80
CA ALA B 176 1.36 -13.97 12.16
C ALA B 176 1.50 -13.59 13.64
N ARG B 177 0.51 -12.88 14.19
CA ARG B 177 0.53 -12.48 15.61
C ARG B 177 0.44 -13.71 16.51
N GLU B 178 -0.46 -14.63 16.17
CA GLU B 178 -0.55 -15.88 16.93
C GLU B 178 0.71 -16.75 16.75
N ALA B 179 1.19 -16.87 15.52
CA ALA B 179 2.34 -17.73 15.24
C ALA B 179 3.62 -17.26 15.94
N GLY B 180 3.80 -15.95 16.02
CA GLY B 180 4.96 -15.38 16.68
C GLY B 180 5.07 -15.74 18.15
N LYS B 181 3.95 -16.13 18.73
CA LYS B 181 3.91 -16.59 20.12
C LYS B 181 4.62 -17.93 20.28
N TYR B 182 4.83 -18.62 19.16
CA TYR B 182 5.48 -19.92 19.09
C TYR B 182 6.84 -19.80 18.41
N GLY B 183 7.22 -18.59 17.99
CA GLY B 183 8.45 -18.41 17.22
C GLY B 183 8.30 -18.76 15.73
N VAL B 184 7.04 -18.89 15.31
CA VAL B 184 6.72 -19.26 13.95
C VAL B 184 6.35 -18.06 13.06
N ARG B 185 6.76 -18.15 11.80
CA ARG B 185 6.42 -17.17 10.78
C ARG B 185 5.13 -17.57 10.05
N SER B 186 4.38 -16.58 9.56
CA SER B 186 3.22 -16.78 8.62
C SER B 186 3.39 -15.82 7.46
N ASN B 187 3.26 -16.34 6.23
CA ASN B 187 3.33 -15.51 5.02
C ASN B 187 2.45 -16.07 3.88
N LEU B 188 2.32 -15.29 2.83
CA LEU B 188 1.58 -15.70 1.67
C LEU B 188 2.48 -15.54 0.48
N VAL B 189 2.28 -16.39 -0.52
CA VAL B 189 2.98 -16.20 -1.77
C VAL B 189 1.91 -15.81 -2.72
N ALA B 190 1.99 -14.57 -3.23
CA ALA B 190 1.12 -14.14 -4.32
C ALA B 190 1.75 -14.57 -5.61
N ALA B 191 1.13 -15.56 -6.24
CA ALA B 191 1.69 -16.10 -7.47
C ALA B 191 1.03 -15.48 -8.70
N GLY B 192 1.75 -15.49 -9.84
CA GLY B 192 1.14 -15.14 -11.12
C GLY B 192 0.32 -16.35 -11.57
N PRO B 193 -0.45 -16.23 -12.68
CA PRO B 193 -1.34 -17.35 -13.00
C PRO B 193 -0.59 -18.61 -13.48
N ILE B 194 -1.01 -19.76 -12.94
CA ILE B 194 -0.39 -21.04 -13.26
C ILE B 194 -1.50 -21.94 -13.80
N ARG B 195 -1.24 -22.58 -14.93
CA ARG B 195 -2.23 -23.44 -15.57
C ARG B 195 -2.46 -24.67 -14.71
N THR B 196 -3.51 -24.57 -13.94
CA THR B 196 -3.78 -25.48 -12.88
C THR B 196 -5.21 -25.97 -13.08
N LEU B 197 -5.60 -26.92 -12.25
CA LEU B 197 -6.95 -27.43 -12.16
C LEU B 197 -8.02 -26.32 -11.95
N ALA B 198 -7.61 -25.24 -11.31
CA ALA B 198 -8.55 -24.36 -10.64
C ALA B 198 -9.29 -23.15 -11.30
N MET B 199 -9.02 -22.65 -12.51
CA MET B 199 -8.19 -23.16 -13.59
C MET B 199 -7.01 -22.23 -13.60
N SER B 200 -6.75 -21.61 -14.76
CA SER B 200 -5.89 -20.43 -14.86
C SER B 200 -5.86 -19.93 -16.29
N GLU B 220 -2.64 -13.55 -19.61
CA GLU B 220 -2.24 -13.54 -21.01
C GLU B 220 -1.01 -12.64 -21.25
N GLY B 221 -1.13 -11.39 -20.80
CA GLY B 221 -0.02 -10.42 -20.79
C GLY B 221 0.51 -10.20 -19.38
N TRP B 222 0.77 -11.30 -18.68
CA TRP B 222 1.51 -11.28 -17.42
C TRP B 222 2.98 -11.30 -17.81
N ASP B 223 3.29 -12.07 -18.86
CA ASP B 223 4.63 -12.15 -19.41
C ASP B 223 5.07 -10.77 -19.89
N GLN B 224 4.07 -9.97 -20.24
CA GLN B 224 4.27 -8.63 -20.77
C GLN B 224 4.84 -7.74 -19.69
N ARG B 225 4.03 -7.59 -18.63
CA ARG B 225 4.32 -6.70 -17.51
C ARG B 225 5.55 -7.14 -16.73
N ALA B 226 5.76 -8.46 -16.66
CA ALA B 226 6.89 -9.07 -15.96
C ALA B 226 8.22 -8.77 -16.64
N PRO B 227 9.12 -8.02 -15.93
CA PRO B 227 10.46 -7.68 -16.42
C PRO B 227 11.33 -8.93 -16.63
N ILE B 228 11.05 -10.01 -15.91
CA ILE B 228 11.81 -11.24 -16.13
C ILE B 228 10.95 -12.32 -16.81
N GLY B 229 9.82 -11.90 -17.38
CA GLY B 229 8.89 -12.81 -18.05
C GLY B 229 8.04 -13.64 -17.11
N TRP B 230 7.04 -14.33 -17.64
CA TRP B 230 6.19 -15.21 -16.83
C TRP B 230 5.67 -16.41 -17.65
N ASN B 231 5.85 -17.61 -17.10
CA ASN B 231 5.38 -18.82 -17.78
C ASN B 231 4.32 -19.53 -16.99
N MET B 232 3.07 -19.45 -17.45
CA MET B 232 1.94 -20.04 -16.73
C MET B 232 1.97 -21.56 -16.69
N LYS B 233 2.84 -22.16 -17.53
CA LYS B 233 3.04 -23.62 -17.56
C LYS B 233 4.09 -24.10 -16.55
N ASP B 234 4.75 -23.15 -15.90
CA ASP B 234 5.87 -23.49 -15.04
C ASP B 234 5.55 -23.12 -13.59
N ALA B 235 5.18 -24.15 -12.81
CA ALA B 235 4.91 -23.99 -11.38
C ALA B 235 6.18 -23.88 -10.51
N THR B 236 7.33 -24.21 -11.08
CA THR B 236 8.58 -24.33 -10.34
C THR B 236 9.06 -23.05 -9.67
N PRO B 237 9.05 -21.92 -10.39
CA PRO B 237 9.49 -20.72 -9.70
C PRO B 237 8.68 -20.42 -8.44
N VAL B 238 7.36 -20.68 -8.47
CA VAL B 238 6.52 -20.43 -7.30
C VAL B 238 6.76 -21.45 -6.19
N ALA B 239 6.84 -22.73 -6.56
CA ALA B 239 7.18 -23.78 -5.62
C ALA B 239 8.49 -23.43 -4.89
N LYS B 240 9.43 -22.84 -5.62
CA LYS B 240 10.73 -22.49 -5.06
C LYS B 240 10.67 -21.36 -4.04
N THR B 241 9.86 -20.35 -4.35
CA THR B 241 9.57 -19.23 -3.47
C THR B 241 8.91 -19.75 -2.19
N VAL B 242 7.95 -20.64 -2.32
CA VAL B 242 7.36 -21.22 -1.15
C VAL B 242 8.46 -21.90 -0.30
N CYS B 243 9.38 -22.58 -0.96
CA CYS B 243 10.44 -23.26 -0.26
C CYS B 243 11.39 -22.30 0.43
N ALA B 244 11.71 -21.18 -0.21
CA ALA B 244 12.60 -20.17 0.37
C ALA B 244 12.04 -19.70 1.71
N LEU B 245 10.70 -19.54 1.75
CA LEU B 245 9.94 -19.14 2.95
C LEU B 245 9.81 -20.23 4.01
N LEU B 246 9.81 -21.50 3.60
CA LEU B 246 9.91 -22.61 4.59
C LEU B 246 11.32 -22.73 5.16
N SER B 247 12.30 -22.23 4.41
CA SER B 247 13.71 -22.34 4.80
C SER B 247 14.06 -21.39 5.96
N ASP B 248 15.34 -21.37 6.34
CA ASP B 248 15.83 -20.44 7.35
C ASP B 248 16.39 -19.15 6.76
N TRP B 249 16.04 -18.86 5.52
CA TRP B 249 16.68 -17.80 4.79
C TRP B 249 15.86 -16.53 4.71
N LEU B 250 14.63 -16.62 5.17
CA LEU B 250 13.74 -15.47 5.34
C LEU B 250 13.27 -15.40 6.80
N PRO B 251 14.22 -15.36 7.75
CA PRO B 251 13.88 -15.62 9.15
C PRO B 251 13.23 -14.42 9.81
N ALA B 252 13.16 -13.31 9.09
CA ALA B 252 12.70 -12.06 9.70
C ALA B 252 11.50 -11.44 8.99
N THR B 253 10.85 -12.21 8.14
CA THR B 253 9.65 -11.72 7.50
C THR B 253 8.38 -12.50 7.93
N THR B 254 7.38 -11.77 8.40
CA THR B 254 6.11 -12.38 8.88
C THR B 254 4.91 -11.47 8.66
N GLY B 255 3.72 -12.07 8.57
CA GLY B 255 2.50 -11.37 8.22
C GLY B 255 2.56 -10.74 6.85
N ASP B 256 3.37 -11.33 5.98
CA ASP B 256 3.77 -10.68 4.75
C ASP B 256 3.37 -11.44 3.50
N ILE B 257 3.51 -10.77 2.36
CA ILE B 257 3.28 -11.35 1.07
C ILE B 257 4.56 -11.28 0.22
N ILE B 258 4.98 -12.42 -0.31
CA ILE B 258 6.09 -12.46 -1.26
C ILE B 258 5.48 -12.66 -2.62
N TYR B 259 5.87 -11.83 -3.60
CA TYR B 259 5.27 -11.92 -4.91
C TYR B 259 6.10 -12.75 -5.87
N ALA B 260 5.53 -13.89 -6.28
CA ALA B 260 6.18 -14.75 -7.27
C ALA B 260 5.36 -14.66 -8.54
N ASP B 261 5.53 -13.53 -9.22
CA ASP B 261 4.77 -13.21 -10.41
C ASP B 261 5.68 -12.60 -11.51
N GLY B 262 7.01 -12.71 -11.36
CA GLY B 262 7.96 -12.21 -12.35
C GLY B 262 8.11 -10.71 -12.31
N GLY B 263 7.69 -10.11 -11.20
CA GLY B 263 7.65 -8.66 -11.05
C GLY B 263 6.44 -7.95 -11.68
N ALA B 264 5.53 -8.69 -12.29
CA ALA B 264 4.34 -8.08 -12.93
C ALA B 264 3.66 -7.01 -12.07
N HIS B 265 3.38 -7.29 -10.79
CA HIS B 265 2.62 -6.37 -9.93
C HIS B 265 3.30 -5.01 -9.69
N THR B 266 4.56 -4.88 -10.10
CA THR B 266 5.36 -3.66 -9.85
C THR B 266 5.47 -2.76 -11.10
N GLN B 267 4.74 -3.12 -12.16
CA GLN B 267 4.81 -2.44 -13.46
C GLN B 267 3.39 -2.17 -13.94
N LEU B 268 3.11 -0.90 -14.25
CA LEU B 268 1.81 -0.52 -14.81
C LEU B 268 1.66 -1.07 -16.24
N LEU B 269 2.74 -1.00 -17.00
CA LEU B 269 2.92 -1.76 -18.25
C LEU B 269 4.38 -1.70 -18.68
N THR C 2 26.75 -27.62 -1.23
CA THR C 2 26.07 -26.28 -1.25
C THR C 2 25.61 -25.89 0.18
N GLY C 3 25.93 -24.67 0.64
CA GLY C 3 26.40 -23.58 -0.19
C GLY C 3 25.22 -22.96 -0.93
N LEU C 4 24.39 -22.20 -0.22
CA LEU C 4 23.25 -21.50 -0.84
C LEU C 4 23.71 -20.69 -2.05
N LEU C 5 24.89 -20.10 -1.91
CA LEU C 5 25.46 -19.23 -2.93
C LEU C 5 26.73 -19.87 -3.55
N ASP C 6 26.80 -21.20 -3.49
CA ASP C 6 27.96 -21.95 -3.99
C ASP C 6 28.32 -21.58 -5.42
N GLY C 7 29.57 -21.16 -5.59
CA GLY C 7 30.13 -20.87 -6.92
C GLY C 7 29.71 -19.56 -7.54
N LYS C 8 28.99 -18.73 -6.79
CA LYS C 8 28.53 -17.45 -7.32
C LYS C 8 29.52 -16.35 -7.03
N ARG C 9 29.66 -15.46 -8.00
CA ARG C 9 30.49 -14.29 -7.84
C ARG C 9 29.60 -13.10 -7.51
N ILE C 10 29.81 -12.53 -6.32
CA ILE C 10 28.98 -11.43 -5.84
C ILE C 10 29.80 -10.21 -5.37
N LEU C 11 29.48 -9.05 -5.93
CA LEU C 11 30.04 -7.76 -5.50
C LEU C 11 29.23 -7.23 -4.32
N VAL C 12 29.92 -6.80 -3.25
CA VAL C 12 29.30 -6.17 -2.09
C VAL C 12 29.90 -4.81 -1.79
N SER C 13 29.12 -3.76 -1.99
CA SER C 13 29.49 -2.42 -1.55
C SER C 13 29.03 -2.17 -0.10
N GLY C 14 29.53 -1.09 0.50
CA GLY C 14 28.97 -0.56 1.74
C GLY C 14 29.58 -0.99 3.06
N ILE C 15 30.65 -1.80 3.02
CA ILE C 15 31.36 -2.08 4.26
C ILE C 15 32.12 -0.84 4.69
N ILE C 16 31.82 -0.37 5.91
CA ILE C 16 32.62 0.66 6.57
C ILE C 16 33.20 0.19 7.91
N THR C 17 32.43 -0.59 8.68
CA THR C 17 32.90 -1.25 9.93
C THR C 17 32.39 -2.70 9.97
N ASP C 18 32.78 -3.45 11.00
CA ASP C 18 32.29 -4.82 11.15
C ASP C 18 30.86 -4.87 11.71
N SER C 19 30.30 -3.71 12.00
CA SER C 19 28.91 -3.71 12.38
C SER C 19 27.99 -3.31 11.19
N SER C 20 28.62 -2.98 10.05
CA SER C 20 27.96 -2.70 8.77
C SER C 20 27.02 -3.82 8.33
N ILE C 21 25.88 -3.47 7.74
CA ILE C 21 25.03 -4.50 7.16
C ILE C 21 25.76 -5.22 5.99
N ALA C 22 26.53 -4.48 5.20
CA ALA C 22 27.32 -5.08 4.13
C ALA C 22 28.33 -6.09 4.66
N PHE C 23 28.85 -5.83 5.86
CA PHE C 23 29.82 -6.74 6.45
C PHE C 23 29.16 -8.09 6.71
N HIS C 24 27.94 -8.05 7.25
CA HIS C 24 27.24 -9.29 7.57
C HIS C 24 26.75 -10.02 6.31
N ILE C 25 26.23 -9.28 5.32
CA ILE C 25 25.88 -9.88 4.02
C ILE C 25 27.12 -10.59 3.46
N ALA C 26 28.26 -9.90 3.46
CA ALA C 26 29.44 -10.49 2.87
C ALA C 26 29.90 -11.71 3.66
N ARG C 27 29.83 -11.66 4.99
CA ARG C 27 30.23 -12.80 5.82
C ARG C 27 29.32 -14.02 5.58
N VAL C 28 28.01 -13.81 5.71
CA VAL C 28 27.02 -14.84 5.36
C VAL C 28 27.23 -15.36 3.94
N ALA C 29 27.41 -14.45 2.99
CA ALA C 29 27.62 -14.83 1.60
C ALA C 29 28.84 -15.76 1.45
N GLN C 30 29.93 -15.46 2.14
CA GLN C 30 31.12 -16.30 2.08
C GLN C 30 30.89 -17.63 2.78
N GLU C 31 30.22 -17.59 3.94
CA GLU C 31 29.77 -18.82 4.63
C GLU C 31 28.93 -19.71 3.69
N GLN C 32 28.19 -19.09 2.77
CA GLN C 32 27.33 -19.84 1.83
C GLN C 32 27.99 -20.20 0.51
N GLY C 33 29.31 -20.05 0.46
CA GLY C 33 30.06 -20.49 -0.71
C GLY C 33 30.31 -19.44 -1.79
N ALA C 34 29.93 -18.19 -1.54
CA ALA C 34 30.07 -17.13 -2.54
C ALA C 34 31.50 -16.59 -2.61
N GLN C 35 31.92 -16.22 -3.82
CA GLN C 35 33.24 -15.63 -4.06
C GLN C 35 33.03 -14.14 -4.27
N LEU C 36 33.66 -13.30 -3.46
CA LEU C 36 33.28 -11.88 -3.41
C LEU C 36 34.28 -10.90 -4.00
N VAL C 37 33.75 -9.72 -4.34
CA VAL C 37 34.51 -8.54 -4.74
C VAL C 37 33.83 -7.46 -3.97
N LEU C 38 34.60 -6.67 -3.23
CA LEU C 38 34.03 -5.72 -2.31
C LEU C 38 34.37 -4.32 -2.78
N THR C 39 33.46 -3.39 -2.63
CA THR C 39 33.84 -2.00 -2.85
C THR C 39 33.70 -1.14 -1.58
N GLY C 40 34.54 -0.12 -1.50
CA GLY C 40 34.63 0.72 -0.33
C GLY C 40 34.79 2.17 -0.71
N PHE C 41 34.27 3.06 0.13
CA PHE C 41 34.16 4.45 -0.25
C PHE C 41 35.37 5.32 0.09
N ASP C 42 35.60 5.58 1.37
CA ASP C 42 36.50 6.70 1.67
C ASP C 42 37.75 6.19 2.35
N ARG C 43 37.51 5.43 3.40
CA ARG C 43 38.53 4.98 4.30
C ARG C 43 39.01 3.59 3.85
N LEU C 44 39.61 3.54 2.66
CA LEU C 44 39.96 2.26 2.04
C LEU C 44 41.01 1.47 2.81
N ARG C 45 42.02 2.15 3.34
CA ARG C 45 43.02 1.49 4.16
C ARG C 45 42.35 0.77 5.32
N LEU C 46 41.55 1.49 6.10
CA LEU C 46 40.89 0.80 7.21
C LEU C 46 39.73 -0.10 6.77
N ILE C 47 39.11 0.18 5.63
CA ILE C 47 38.15 -0.83 5.11
C ILE C 47 38.86 -2.18 4.90
N GLN C 48 40.12 -2.13 4.46
CA GLN C 48 40.94 -3.32 4.28
C GLN C 48 41.20 -4.06 5.61
N ARG C 49 41.58 -3.33 6.66
CA ARG C 49 41.65 -3.92 8.00
C ARG C 49 40.35 -4.67 8.31
N ILE C 50 39.22 -4.02 8.08
CA ILE C 50 37.89 -4.55 8.43
C ILE C 50 37.58 -5.85 7.67
N THR C 51 37.90 -5.86 6.37
CA THR C 51 37.54 -7.00 5.53
C THR C 51 38.50 -8.16 5.70
N ASP C 52 39.62 -7.88 6.38
CA ASP C 52 40.56 -8.93 6.82
C ASP C 52 39.89 -9.77 7.89
N ARG C 53 38.79 -9.26 8.43
CA ARG C 53 38.04 -9.97 9.45
C ARG C 53 36.93 -10.86 8.89
N LEU C 54 36.73 -10.81 7.57
CA LEU C 54 35.79 -11.71 6.86
C LEU C 54 36.30 -13.17 6.90
N PRO C 55 35.42 -14.17 6.65
CA PRO C 55 35.87 -15.59 6.67
C PRO C 55 36.88 -15.96 5.56
N ALA C 56 36.78 -15.31 4.40
CA ALA C 56 37.71 -15.51 3.30
C ALA C 56 38.15 -14.16 2.73
N LYS C 57 39.37 -14.12 2.20
CA LYS C 57 39.88 -12.92 1.53
C LYS C 57 39.16 -12.62 0.23
N ALA C 58 39.01 -11.32 -0.03
CA ALA C 58 38.28 -10.82 -1.18
C ALA C 58 38.89 -9.51 -1.65
N PRO C 59 39.01 -9.35 -2.98
CA PRO C 59 39.42 -8.11 -3.62
C PRO C 59 38.61 -6.94 -3.14
N LEU C 60 39.31 -5.88 -2.77
CA LEU C 60 38.67 -4.63 -2.36
C LEU C 60 38.89 -3.60 -3.45
N LEU C 61 37.82 -3.02 -3.96
CA LEU C 61 37.97 -1.94 -4.91
C LEU C 61 37.41 -0.65 -4.34
N GLU C 62 37.93 0.47 -4.82
CA GLU C 62 37.41 1.75 -4.39
C GLU C 62 36.23 2.14 -5.26
N LEU C 63 35.16 2.60 -4.62
CA LEU C 63 34.04 3.11 -5.38
C LEU C 63 33.35 4.18 -4.60
N ASP C 64 33.53 5.42 -5.07
CA ASP C 64 32.76 6.58 -4.65
C ASP C 64 31.72 6.78 -5.72
N VAL C 65 30.49 6.43 -5.37
CA VAL C 65 29.32 6.49 -6.23
C VAL C 65 29.01 7.87 -6.87
N GLN C 66 29.70 8.90 -6.40
CA GLN C 66 29.52 10.23 -7.00
C GLN C 66 30.64 10.55 -7.98
N ASN C 67 31.60 9.62 -8.10
CA ASN C 67 32.75 9.80 -8.96
C ASN C 67 32.50 9.07 -10.27
N GLU C 68 32.19 9.83 -11.33
CA GLU C 68 31.94 9.26 -12.65
C GLU C 68 33.09 8.38 -13.20
N GLU C 69 34.32 8.68 -12.84
CA GLU C 69 35.39 7.81 -13.30
C GLU C 69 35.52 6.46 -12.55
N HIS C 70 35.20 6.42 -11.25
CA HIS C 70 35.11 5.14 -10.54
C HIS C 70 34.08 4.25 -11.21
N LEU C 71 32.98 4.86 -11.61
CA LEU C 71 31.87 4.15 -12.23
C LEU C 71 32.20 3.69 -13.65
N ALA C 72 32.83 4.57 -14.44
CA ALA C 72 33.27 4.20 -15.78
C ALA C 72 34.25 3.02 -15.74
N SER C 73 35.16 2.99 -14.77
CA SER C 73 36.17 1.92 -14.70
C SER C 73 35.73 0.68 -13.91
N LEU C 74 34.61 0.80 -13.20
CA LEU C 74 34.16 -0.24 -12.28
C LEU C 74 34.15 -1.65 -12.88
N ALA C 75 33.46 -1.79 -14.01
CA ALA C 75 33.37 -3.05 -14.76
C ALA C 75 34.75 -3.64 -15.06
N GLY C 76 35.64 -2.80 -15.58
CA GLY C 76 36.98 -3.28 -15.97
C GLY C 76 37.72 -3.85 -14.77
N ARG C 77 37.70 -3.09 -13.67
CA ARG C 77 38.39 -3.45 -12.43
C ARG C 77 37.78 -4.68 -11.79
N VAL C 78 36.47 -4.85 -11.96
CA VAL C 78 35.80 -6.06 -11.48
C VAL C 78 36.27 -7.27 -12.28
N THR C 79 36.14 -7.20 -13.60
CA THR C 79 36.53 -8.34 -14.46
C THR C 79 37.97 -8.72 -14.17
N GLU C 80 38.82 -7.71 -14.00
CA GLU C 80 40.23 -7.94 -13.70
C GLU C 80 40.39 -8.61 -12.34
N ALA C 81 39.53 -8.24 -11.39
CA ALA C 81 39.49 -8.87 -10.08
C ALA C 81 39.05 -10.33 -10.15
N ILE C 82 38.10 -10.62 -11.05
CA ILE C 82 37.52 -11.98 -11.11
C ILE C 82 38.05 -12.82 -12.26
N GLY C 83 38.81 -12.20 -13.15
CA GLY C 83 39.41 -12.90 -14.27
C GLY C 83 38.52 -12.79 -15.47
N ALA C 84 39.13 -12.40 -16.60
CA ALA C 84 38.45 -12.20 -17.87
C ALA C 84 37.54 -13.37 -18.20
N GLY C 85 36.43 -13.06 -18.87
CA GLY C 85 35.41 -14.08 -19.18
C GLY C 85 34.57 -14.55 -17.99
N ASN C 86 34.86 -14.05 -16.79
CA ASN C 86 34.01 -14.35 -15.66
C ASN C 86 33.11 -13.19 -15.37
N LYS C 87 31.80 -13.45 -15.29
CA LYS C 87 30.82 -12.39 -14.97
C LYS C 87 30.30 -12.48 -13.53
N LEU C 88 29.67 -11.41 -13.06
CA LEU C 88 29.00 -11.40 -11.74
C LEU C 88 27.65 -12.11 -11.73
N ASP C 89 27.31 -12.73 -10.60
CA ASP C 89 25.97 -13.29 -10.40
C ASP C 89 25.08 -12.38 -9.51
N GLY C 90 25.75 -11.54 -8.72
CA GLY C 90 25.10 -10.76 -7.67
C GLY C 90 25.75 -9.41 -7.47
N VAL C 91 24.92 -8.41 -7.23
CA VAL C 91 25.36 -7.07 -6.86
C VAL C 91 24.59 -6.60 -5.63
N VAL C 92 25.32 -6.23 -4.60
CA VAL C 92 24.74 -5.70 -3.38
C VAL C 92 25.09 -4.24 -3.18
N HIS C 93 24.06 -3.41 -3.26
CA HIS C 93 24.05 -2.00 -2.93
C HIS C 93 23.57 -1.85 -1.47
N SER C 94 24.53 -1.53 -0.61
CA SER C 94 24.27 -1.28 0.81
C SER C 94 24.90 0.05 1.13
N ILE C 95 24.47 1.11 0.44
CA ILE C 95 25.07 2.41 0.66
C ILE C 95 24.04 3.53 0.82
N GLY C 96 24.37 4.47 1.69
CA GLY C 96 23.54 5.64 1.87
C GLY C 96 24.18 6.79 2.63
N PHE C 97 23.71 7.99 2.32
CA PHE C 97 24.14 9.17 3.02
C PHE C 97 23.10 10.24 2.86
N MET C 98 22.91 10.99 3.94
CA MET C 98 22.21 12.25 3.96
C MET C 98 23.01 13.22 4.85
N PRO C 99 23.32 14.44 4.36
CA PRO C 99 23.91 15.45 5.26
C PRO C 99 23.02 15.74 6.47
N GLN C 100 23.64 16.11 7.59
CA GLN C 100 22.94 16.29 8.88
C GLN C 100 21.75 17.25 8.83
N THR C 101 21.78 18.23 7.91
CA THR C 101 20.68 19.20 7.80
C THR C 101 19.34 18.55 7.43
N GLY C 102 19.36 17.36 6.84
CA GLY C 102 18.11 16.72 6.47
C GLY C 102 17.85 15.47 7.26
N MET C 103 18.29 15.43 8.51
CA MET C 103 18.63 14.15 9.09
C MET C 103 18.46 13.94 10.58
N GLY C 104 17.63 14.73 11.28
CA GLY C 104 17.26 14.32 12.65
C GLY C 104 16.42 15.33 13.40
N ILE C 105 17.03 16.07 14.31
CA ILE C 105 16.30 17.21 14.87
C ILE C 105 16.47 18.52 14.07
N ASN C 106 17.34 18.57 13.05
CA ASN C 106 17.36 19.74 12.10
C ASN C 106 15.95 19.90 11.49
N PRO C 107 15.36 21.11 11.56
CA PRO C 107 14.05 21.25 10.95
C PRO C 107 14.04 20.81 9.49
N PHE C 108 13.00 20.05 9.15
CA PHE C 108 12.80 19.51 7.82
C PHE C 108 12.85 20.60 6.75
N PHE C 109 12.22 21.73 7.02
CA PHE C 109 12.22 22.88 6.10
C PHE C 109 13.58 23.60 5.92
N ASP C 110 14.52 23.37 6.83
CA ASP C 110 15.80 24.10 6.77
C ASP C 110 16.90 23.31 6.07
N ALA C 111 16.57 22.16 5.50
CA ALA C 111 17.57 21.43 4.71
C ALA C 111 17.69 22.11 3.34
N PRO C 112 18.89 22.62 3.01
CA PRO C 112 19.13 23.25 1.71
C PRO C 112 19.06 22.20 0.63
N TYR C 113 18.49 22.51 -0.52
CA TYR C 113 18.45 21.50 -1.56
C TYR C 113 19.82 20.93 -1.98
N ALA C 114 20.93 21.66 -1.78
CA ALA C 114 22.24 21.09 -2.09
C ALA C 114 22.51 19.85 -1.25
N ASP C 115 22.22 19.91 0.05
CA ASP C 115 22.34 18.78 0.95
C ASP C 115 21.41 17.60 0.58
N VAL C 116 20.21 17.92 0.13
CA VAL C 116 19.21 16.89 -0.14
C VAL C 116 19.62 16.14 -1.39
N SER C 117 20.01 16.93 -2.39
CA SER C 117 20.44 16.43 -3.68
C SER C 117 21.65 15.54 -3.52
N LYS C 118 22.53 15.89 -2.58
CA LYS C 118 23.66 15.01 -2.27
C LYS C 118 23.21 13.65 -1.73
N GLY C 119 22.30 13.65 -0.75
CA GLY C 119 21.78 12.40 -0.17
C GLY C 119 21.00 11.54 -1.15
N ILE C 120 20.23 12.18 -2.03
CA ILE C 120 19.50 11.44 -3.05
C ILE C 120 20.49 10.81 -4.07
N HIS C 121 21.55 11.55 -4.40
CA HIS C 121 22.54 11.07 -5.40
C HIS C 121 23.11 9.73 -4.94
N ILE C 122 23.46 9.70 -3.65
CA ILE C 122 24.14 8.60 -3.02
C ILE C 122 23.20 7.47 -2.57
N SER C 123 22.04 7.83 -2.00
CA SER C 123 21.11 6.82 -1.48
C SER C 123 20.19 6.21 -2.54
N ALA C 124 19.86 6.97 -3.59
CA ALA C 124 18.89 6.50 -4.58
C ALA C 124 19.46 6.40 -5.98
N TYR C 125 20.08 7.47 -6.45
CA TYR C 125 20.50 7.56 -7.88
C TYR C 125 21.57 6.50 -8.15
N SER C 126 22.46 6.31 -7.17
CA SER C 126 23.59 5.38 -7.29
C SER C 126 23.15 3.93 -7.43
N TYR C 127 21.92 3.62 -6.98
CA TYR C 127 21.38 2.29 -7.23
C TYR C 127 21.27 2.07 -8.73
N ALA C 128 20.73 3.06 -9.43
CA ALA C 128 20.62 2.99 -10.88
C ALA C 128 22.02 3.01 -11.53
N SER C 129 22.88 3.89 -11.06
CA SER C 129 24.19 4.03 -11.68
C SER C 129 25.11 2.80 -11.46
N MET C 130 24.97 2.13 -10.33
CA MET C 130 25.61 0.82 -10.12
C MET C 130 25.05 -0.27 -11.03
N ALA C 131 23.77 -0.19 -11.35
CA ALA C 131 23.17 -1.16 -12.26
C ALA C 131 23.66 -0.93 -13.69
N LYS C 132 23.62 0.32 -14.15
CA LYS C 132 24.13 0.65 -15.47
C LYS C 132 25.56 0.13 -15.69
N ALA C 133 26.42 0.25 -14.68
CA ALA C 133 27.85 -0.09 -14.77
C ALA C 133 28.09 -1.59 -14.75
N LEU C 134 27.31 -2.28 -13.91
CA LEU C 134 27.56 -3.68 -13.62
C LEU C 134 26.74 -4.68 -14.47
N LEU C 135 25.52 -4.33 -14.85
CA LEU C 135 24.72 -5.20 -15.73
C LEU C 135 25.46 -5.77 -16.99
N PRO C 136 26.18 -4.93 -17.75
CA PRO C 136 27.01 -5.46 -18.87
C PRO C 136 28.00 -6.58 -18.52
N ILE C 137 28.26 -6.80 -17.22
CA ILE C 137 29.05 -7.95 -16.75
C ILE C 137 28.29 -8.87 -15.78
N MET C 138 26.99 -8.98 -15.96
CA MET C 138 26.21 -9.89 -15.14
C MET C 138 25.64 -11.04 -15.96
N ASN C 139 25.75 -12.25 -15.40
CA ASN C 139 25.16 -13.43 -15.97
C ASN C 139 23.63 -13.38 -15.92
N PRO C 140 22.96 -14.08 -16.87
CA PRO C 140 21.51 -14.30 -16.76
C PRO C 140 21.23 -15.02 -15.48
N GLY C 141 20.09 -14.75 -14.85
CA GLY C 141 19.76 -15.39 -13.57
C GLY C 141 20.38 -14.70 -12.38
N GLY C 142 21.17 -13.66 -12.63
CA GLY C 142 21.73 -12.84 -11.56
C GLY C 142 20.69 -12.04 -10.77
N SER C 143 21.16 -11.46 -9.68
CA SER C 143 20.34 -10.68 -8.77
C SER C 143 21.07 -9.40 -8.36
N ILE C 144 20.35 -8.28 -8.46
CA ILE C 144 20.78 -7.03 -7.85
C ILE C 144 19.93 -6.77 -6.60
N VAL C 145 20.58 -6.39 -5.51
CA VAL C 145 19.90 -6.15 -4.26
C VAL C 145 20.34 -4.84 -3.65
N GLY C 146 19.36 -4.07 -3.20
CA GLY C 146 19.60 -2.80 -2.52
C GLY C 146 18.95 -2.77 -1.16
N MET C 147 19.37 -1.81 -0.35
CA MET C 147 18.89 -1.72 1.03
C MET C 147 17.88 -0.58 1.25
N ASP C 148 16.78 -0.90 1.94
CA ASP C 148 15.63 0.00 2.10
C ASP C 148 15.26 0.21 3.58
N PHE C 149 14.54 1.29 3.87
CA PHE C 149 13.84 1.47 5.11
C PHE C 149 12.44 2.06 4.83
N ASP C 150 11.42 1.25 5.09
CA ASP C 150 10.04 1.54 4.67
C ASP C 150 9.68 3.01 4.82
N PRO C 151 9.60 3.75 3.68
CA PRO C 151 9.29 5.17 3.73
C PRO C 151 7.83 5.49 3.38
N SER C 152 6.99 4.46 3.35
CA SER C 152 5.60 4.62 2.99
C SER C 152 4.81 5.53 3.97
N ARG C 153 5.34 5.70 5.18
CA ARG C 153 4.77 6.64 6.17
C ARG C 153 5.92 7.50 6.70
N ALA C 154 5.61 8.76 7.01
CA ALA C 154 6.61 9.69 7.52
C ALA C 154 6.83 9.42 9.02
N MET C 155 7.86 9.99 9.60
CA MET C 155 8.24 9.61 10.94
C MET C 155 9.26 10.63 11.42
N PRO C 156 9.51 10.67 12.74
CA PRO C 156 10.50 11.65 13.22
C PRO C 156 11.92 11.22 12.86
N ALA C 157 12.86 12.18 12.79
CA ALA C 157 14.29 11.90 12.57
C ALA C 157 14.71 11.49 11.15
N TYR C 158 14.00 10.54 10.56
CA TYR C 158 14.45 9.99 9.27
C TYR C 158 14.33 11.06 8.16
N ASN C 159 13.38 11.96 8.33
CA ASN C 159 13.36 13.21 7.58
C ASN C 159 13.59 13.07 6.08
N TRP C 160 14.64 13.69 5.54
CA TRP C 160 14.87 13.70 4.10
C TRP C 160 15.45 12.37 3.61
N MET C 161 16.00 11.58 4.52
CA MET C 161 16.37 10.21 4.15
C MET C 161 15.14 9.38 3.81
N THR C 162 14.00 9.70 4.42
CA THR C 162 12.77 9.02 4.10
C THR C 162 12.46 9.30 2.64
N VAL C 163 12.66 10.56 2.21
CA VAL C 163 12.38 10.97 0.83
C VAL C 163 13.31 10.25 -0.16
N ALA C 164 14.57 10.08 0.25
CA ALA C 164 15.56 9.34 -0.55
C ALA C 164 15.13 7.89 -0.76
N LYS C 165 14.61 7.25 0.28
CA LYS C 165 14.19 5.86 0.21
C LYS C 165 12.96 5.68 -0.72
N SER C 166 11.96 6.54 -0.56
CA SER C 166 10.86 6.62 -1.53
C SER C 166 11.34 6.65 -2.99
N ALA C 167 12.33 7.49 -3.28
CA ALA C 167 12.92 7.59 -4.61
C ALA C 167 13.64 6.29 -4.98
N LEU C 168 14.46 5.78 -4.07
CA LEU C 168 15.12 4.47 -4.26
C LEU C 168 14.11 3.43 -4.72
N GLU C 169 12.95 3.38 -4.07
CA GLU C 169 11.94 2.35 -4.35
C GLU C 169 11.39 2.48 -5.78
N SER C 170 11.22 3.71 -6.23
CA SER C 170 10.85 4.02 -7.59
C SER C 170 12.02 3.61 -8.52
N VAL C 171 13.24 4.03 -8.16
CA VAL C 171 14.44 3.68 -8.92
C VAL C 171 14.54 2.17 -9.07
N ASN C 172 14.40 1.44 -7.98
CA ASN C 172 14.44 -0.03 -8.03
C ASN C 172 13.50 -0.64 -9.10
N ARG C 173 12.28 -0.13 -9.21
CA ARG C 173 11.33 -0.70 -10.18
C ARG C 173 11.76 -0.43 -11.63
N PHE C 174 12.43 0.69 -11.88
CA PHE C 174 12.93 0.99 -13.22
C PHE C 174 14.21 0.25 -13.54
N VAL C 175 15.04 0.01 -12.53
CA VAL C 175 16.19 -0.88 -12.71
C VAL C 175 15.76 -2.31 -13.05
N ALA C 176 14.67 -2.80 -12.41
CA ALA C 176 14.10 -4.12 -12.74
C ALA C 176 13.80 -4.25 -14.23
N ARG C 177 13.31 -3.16 -14.82
CA ARG C 177 13.00 -3.06 -16.28
C ARG C 177 14.28 -3.23 -17.11
N GLU C 178 15.30 -2.45 -16.78
CA GLU C 178 16.62 -2.58 -17.40
C GLU C 178 17.28 -3.95 -17.15
N ALA C 179 17.30 -4.37 -15.89
CA ALA C 179 17.88 -5.67 -15.53
C ALA C 179 17.20 -6.87 -16.19
N GLY C 180 15.88 -6.80 -16.38
CA GLY C 180 15.11 -7.86 -17.02
C GLY C 180 15.69 -8.32 -18.36
N LYS C 181 16.13 -7.35 -19.18
CA LYS C 181 16.69 -7.66 -20.50
C LYS C 181 17.90 -8.60 -20.42
N TYR C 182 18.62 -8.55 -19.28
CA TYR C 182 19.78 -9.40 -18.97
C TYR C 182 19.44 -10.68 -18.23
N GLY C 183 18.14 -10.88 -17.94
CA GLY C 183 17.68 -12.04 -17.18
C GLY C 183 18.04 -11.92 -15.71
N VAL C 184 18.14 -10.69 -15.22
CA VAL C 184 18.67 -10.36 -13.90
C VAL C 184 17.58 -9.68 -13.07
N ARG C 185 17.46 -10.10 -11.80
CA ARG C 185 16.46 -9.50 -10.94
C ARG C 185 17.03 -8.27 -10.23
N SER C 186 16.13 -7.40 -9.81
CA SER C 186 16.49 -6.29 -8.93
C SER C 186 15.44 -6.17 -7.82
N ASN C 187 15.91 -6.00 -6.59
CA ASN C 187 15.00 -6.01 -5.44
C ASN C 187 15.64 -5.30 -4.28
N LEU C 188 14.79 -4.80 -3.38
CA LEU C 188 15.23 -4.11 -2.17
C LEU C 188 14.91 -4.93 -0.93
N VAL C 189 15.79 -4.88 0.06
CA VAL C 189 15.47 -5.42 1.37
C VAL C 189 15.17 -4.25 2.29
N ALA C 190 13.93 -4.18 2.75
CA ALA C 190 13.59 -3.18 3.74
C ALA C 190 13.76 -3.81 5.10
N ALA C 191 14.75 -3.32 5.83
CA ALA C 191 15.16 -3.94 7.07
C ALA C 191 14.66 -3.08 8.21
N GLY C 192 14.49 -3.71 9.37
CA GLY C 192 14.28 -2.98 10.62
C GLY C 192 15.59 -2.34 11.06
N PRO C 193 15.57 -1.59 12.18
CA PRO C 193 16.75 -0.87 12.61
C PRO C 193 17.88 -1.81 13.08
N ILE C 194 19.09 -1.55 12.61
CA ILE C 194 20.29 -2.29 13.06
C ILE C 194 21.35 -1.26 13.48
N ARG C 195 22.07 -1.56 14.56
CA ARG C 195 23.05 -0.63 15.14
C ARG C 195 24.34 -0.60 14.35
N THR C 196 24.40 0.33 13.41
CA THR C 196 25.52 0.48 12.52
C THR C 196 26.07 1.90 12.74
N LEU C 197 27.21 2.20 12.11
CA LEU C 197 27.79 3.53 12.13
C LEU C 197 26.76 4.55 11.68
N ALA C 198 25.97 4.19 10.65
CA ALA C 198 24.99 5.09 10.07
C ALA C 198 23.80 5.33 11.01
N MET C 199 23.40 4.33 11.77
CA MET C 199 22.32 4.56 12.72
C MET C 199 22.70 5.69 13.68
N SER C 200 23.95 5.64 14.16
CA SER C 200 24.56 6.68 14.97
C SER C 200 25.37 7.52 14.01
N ALA C 201 24.77 8.52 13.35
CA ALA C 201 23.45 9.01 13.64
C ALA C 201 23.01 9.86 12.42
N ILE C 202 21.71 10.05 12.21
CA ILE C 202 20.67 9.12 12.62
C ILE C 202 20.40 8.20 11.40
N GLU C 210 18.20 11.83 24.45
CA GLU C 210 19.18 11.93 23.38
C GLU C 210 19.56 10.54 22.82
N ALA C 211 20.82 10.39 22.40
CA ALA C 211 21.31 9.22 21.63
C ALA C 211 20.92 7.85 22.18
N GLY C 212 21.53 7.44 23.30
CA GLY C 212 21.25 6.15 23.95
C GLY C 212 19.77 5.86 24.22
N ALA C 213 19.08 6.84 24.80
CA ALA C 213 17.69 6.68 25.28
C ALA C 213 16.64 6.53 24.17
N GLN C 214 16.90 7.14 23.02
CA GLN C 214 15.99 7.02 21.88
C GLN C 214 16.14 5.66 21.20
N ILE C 215 17.35 5.10 21.28
CA ILE C 215 17.66 3.78 20.76
C ILE C 215 16.95 2.67 21.55
N GLN C 216 17.16 2.65 22.87
CA GLN C 216 16.45 1.72 23.75
C GLN C 216 14.94 1.72 23.52
N LEU C 217 14.35 2.89 23.29
CA LEU C 217 12.89 2.97 23.05
C LEU C 217 12.49 2.53 21.64
N LEU C 218 13.41 2.69 20.69
CA LEU C 218 13.22 2.17 19.34
C LEU C 218 13.38 0.65 19.34
N GLU C 219 14.42 0.17 20.00
CA GLU C 219 14.64 -1.27 20.22
C GLU C 219 13.37 -1.89 20.78
N GLU C 220 12.85 -1.29 21.85
CA GLU C 220 11.63 -1.74 22.54
C GLU C 220 10.40 -1.72 21.65
N GLY C 221 10.21 -0.60 20.96
CA GLY C 221 9.03 -0.39 20.12
C GLY C 221 8.97 -1.37 18.98
N TRP C 222 10.09 -1.49 18.26
CA TRP C 222 10.18 -2.35 17.08
C TRP C 222 9.99 -3.82 17.45
N ASP C 223 10.68 -4.24 18.50
CA ASP C 223 10.52 -5.58 19.09
C ASP C 223 9.04 -5.90 19.41
N GLN C 224 8.31 -4.95 20.04
CA GLN C 224 6.90 -5.19 20.43
C GLN C 224 5.98 -5.42 19.23
N ARG C 225 6.13 -4.57 18.20
CA ARG C 225 5.27 -4.54 17.02
C ARG C 225 5.57 -5.75 16.11
N ALA C 226 6.84 -6.15 16.05
CA ALA C 226 7.30 -7.35 15.36
C ALA C 226 6.72 -8.65 15.98
N PRO C 227 5.85 -9.41 15.24
CA PRO C 227 5.28 -10.64 15.82
C PRO C 227 6.32 -11.68 16.21
N ILE C 228 7.41 -11.75 15.47
CA ILE C 228 8.55 -12.60 15.81
C ILE C 228 9.70 -11.84 16.51
N GLY C 229 9.43 -10.64 16.97
CA GLY C 229 10.41 -9.91 17.76
C GLY C 229 11.51 -9.35 16.88
N TRP C 230 12.40 -8.56 17.48
CA TRP C 230 13.42 -7.80 16.74
C TRP C 230 14.59 -7.43 17.64
N ASN C 231 15.77 -7.86 17.22
CA ASN C 231 17.00 -7.52 17.92
C ASN C 231 17.86 -6.67 17.01
N MET C 232 17.90 -5.36 17.30
CA MET C 232 18.76 -4.38 16.61
C MET C 232 20.26 -4.68 16.62
N LYS C 233 20.71 -5.57 17.52
CA LYS C 233 22.14 -5.90 17.62
C LYS C 233 22.54 -6.98 16.63
N ASP C 234 21.55 -7.59 16.00
CA ASP C 234 21.78 -8.75 15.18
C ASP C 234 21.43 -8.45 13.71
N ALA C 235 22.46 -8.40 12.87
CA ALA C 235 22.28 -8.10 11.44
C ALA C 235 22.01 -9.34 10.62
N THR C 236 22.35 -10.47 11.21
CA THR C 236 22.31 -11.74 10.48
C THR C 236 20.94 -12.15 9.90
N PRO C 237 19.79 -11.85 10.58
CA PRO C 237 18.56 -12.12 9.83
C PRO C 237 18.37 -11.25 8.57
N VAL C 238 18.92 -10.03 8.58
CA VAL C 238 18.83 -9.23 7.35
C VAL C 238 19.78 -9.69 6.24
N ALA C 239 21.06 -9.94 6.59
CA ALA C 239 22.04 -10.58 5.70
C ALA C 239 21.53 -11.86 5.04
N LYS C 240 20.81 -12.66 5.81
CA LYS C 240 20.25 -13.91 5.28
C LYS C 240 19.21 -13.63 4.18
N THR C 241 18.36 -12.61 4.38
CA THR C 241 17.31 -12.23 3.45
C THR C 241 17.94 -11.75 2.12
N VAL C 242 19.04 -11.01 2.24
CA VAL C 242 19.78 -10.55 1.07
C VAL C 242 20.36 -11.76 0.34
N CYS C 243 20.85 -12.73 1.10
CA CYS C 243 21.38 -13.96 0.50
C CYS C 243 20.28 -14.76 -0.18
N ALA C 244 19.09 -14.71 0.41
CA ALA C 244 17.93 -15.36 -0.18
C ALA C 244 17.63 -14.79 -1.56
N LEU C 245 17.61 -13.46 -1.68
CA LEU C 245 17.36 -12.81 -2.97
C LEU C 245 18.54 -12.95 -3.95
N LEU C 246 19.76 -13.13 -3.43
CA LEU C 246 20.91 -13.42 -4.27
C LEU C 246 20.86 -14.86 -4.79
N SER C 247 20.25 -15.74 -4.00
CA SER C 247 20.12 -17.14 -4.38
C SER C 247 19.14 -17.35 -5.53
N ASP C 248 19.04 -18.61 -5.94
CA ASP C 248 18.15 -19.06 -7.00
C ASP C 248 16.74 -19.41 -6.47
N TRP C 249 16.51 -19.13 -5.19
CA TRP C 249 15.31 -19.58 -4.50
C TRP C 249 14.21 -18.55 -4.49
N LEU C 250 14.53 -17.37 -5.03
CA LEU C 250 13.56 -16.31 -5.24
C LEU C 250 13.55 -15.88 -6.71
N PRO C 251 13.29 -16.83 -7.63
CA PRO C 251 13.53 -16.60 -9.06
C PRO C 251 12.45 -15.81 -9.80
N ALA C 252 11.33 -15.53 -9.12
CA ALA C 252 10.18 -14.92 -9.79
C ALA C 252 9.86 -13.54 -9.24
N THR C 253 10.80 -12.96 -8.51
CA THR C 253 10.57 -11.68 -7.91
C THR C 253 11.60 -10.60 -8.29
N THR C 254 11.09 -9.54 -8.93
CA THR C 254 11.85 -8.32 -9.21
C THR C 254 11.00 -7.09 -9.06
N GLY C 255 11.70 -5.95 -9.10
CA GLY C 255 11.11 -4.63 -9.03
C GLY C 255 10.43 -4.51 -7.68
N ASP C 256 10.91 -5.31 -6.72
CA ASP C 256 10.14 -5.57 -5.51
C ASP C 256 10.90 -5.26 -4.24
N ILE C 257 10.22 -5.51 -3.13
CA ILE C 257 10.69 -5.22 -1.76
C ILE C 257 10.30 -6.37 -0.85
N ILE C 258 11.31 -6.88 -0.14
CA ILE C 258 11.20 -7.92 0.85
C ILE C 258 11.48 -7.23 2.19
N TYR C 259 10.54 -7.36 3.11
CA TYR C 259 10.70 -6.71 4.40
C TYR C 259 11.31 -7.67 5.40
N ALA C 260 12.52 -7.35 5.87
CA ALA C 260 13.15 -8.15 6.92
C ALA C 260 13.13 -7.32 8.16
N ASP C 261 11.95 -7.23 8.77
CA ASP C 261 11.72 -6.23 9.81
C ASP C 261 10.99 -6.87 10.96
N GLY C 262 11.03 -8.19 11.02
CA GLY C 262 10.32 -8.97 12.01
C GLY C 262 8.80 -8.93 11.82
N GLY C 263 8.33 -8.47 10.65
CA GLY C 263 6.89 -8.31 10.36
C GLY C 263 6.29 -7.00 10.87
N ALA C 264 7.14 -6.12 11.39
CA ALA C 264 6.66 -4.93 12.13
C ALA C 264 5.81 -4.04 11.22
N HIS C 265 6.23 -3.88 9.97
CA HIS C 265 5.46 -3.10 9.01
C HIS C 265 4.05 -3.66 8.73
N THR C 266 3.76 -4.87 9.19
CA THR C 266 2.43 -5.47 8.96
C THR C 266 1.44 -5.21 10.12
N GLN C 267 1.92 -4.56 11.18
CA GLN C 267 1.15 -4.42 12.41
C GLN C 267 1.02 -2.95 12.79
N LEU C 268 -0.20 -2.52 13.12
CA LEU C 268 -0.43 -1.14 13.57
C LEU C 268 0.12 -1.00 14.97
N LEU C 269 -0.30 -1.89 15.85
CA LEU C 269 0.49 -2.23 17.03
C LEU C 269 0.17 -3.62 17.62
N THR D 2 -23.98 30.81 -2.01
CA THR D 2 -23.27 29.49 -2.19
C THR D 2 -21.75 29.68 -2.14
N GLY D 3 -21.06 29.10 -3.12
CA GLY D 3 -19.62 29.22 -3.25
C GLY D 3 -18.92 28.24 -2.34
N LEU D 4 -18.43 27.14 -2.90
CA LEU D 4 -17.68 26.15 -2.12
C LEU D 4 -16.46 26.77 -1.42
N LEU D 5 -15.82 27.72 -2.11
CA LEU D 5 -14.62 28.38 -1.59
C LEU D 5 -14.85 29.85 -1.20
N ASP D 6 -16.10 30.20 -0.93
CA ASP D 6 -16.51 31.57 -0.62
C ASP D 6 -15.63 32.23 0.44
N GLY D 7 -15.09 33.40 0.12
CA GLY D 7 -14.29 34.13 1.09
C GLY D 7 -12.84 33.69 1.21
N LYS D 8 -12.51 32.50 0.71
CA LYS D 8 -11.15 31.96 0.89
C LYS D 8 -10.12 32.68 0.03
N ARG D 9 -8.97 32.94 0.61
CA ARG D 9 -7.90 33.51 -0.19
C ARG D 9 -6.91 32.40 -0.54
N ILE D 10 -6.70 32.22 -1.84
CA ILE D 10 -5.99 31.05 -2.33
C ILE D 10 -4.88 31.38 -3.32
N LEU D 11 -3.69 30.84 -3.07
CA LEU D 11 -2.57 30.99 -3.97
C LEU D 11 -2.53 29.86 -5.00
N VAL D 12 -2.38 30.22 -6.27
CA VAL D 12 -2.35 29.23 -7.34
C VAL D 12 -1.11 29.42 -8.22
N SER D 13 -0.19 28.46 -8.18
CA SER D 13 1.00 28.48 -9.04
C SER D 13 0.76 27.59 -10.25
N GLY D 14 1.63 27.70 -11.25
CA GLY D 14 1.67 26.71 -12.30
C GLY D 14 0.87 26.98 -13.57
N ILE D 15 0.13 28.08 -13.64
CA ILE D 15 -0.49 28.41 -14.93
C ILE D 15 0.62 28.76 -15.94
N ILE D 16 0.63 28.07 -17.08
CA ILE D 16 1.51 28.41 -18.17
C ILE D 16 0.69 28.59 -19.46
N THR D 17 -0.31 27.73 -19.67
CA THR D 17 -1.28 27.93 -20.75
C THR D 17 -2.71 27.80 -20.21
N ASP D 18 -3.68 27.90 -21.11
CA ASP D 18 -5.06 27.74 -20.70
C ASP D 18 -5.48 26.26 -20.70
N SER D 19 -4.55 25.39 -21.08
CA SER D 19 -4.68 23.96 -20.91
C SER D 19 -4.10 23.46 -19.57
N SER D 20 -3.21 24.27 -18.96
CA SER D 20 -2.61 23.98 -17.65
C SER D 20 -3.67 23.54 -16.66
N ILE D 21 -3.38 22.47 -15.92
CA ILE D 21 -4.24 22.00 -14.85
C ILE D 21 -4.49 23.15 -13.88
N ALA D 22 -3.43 23.90 -13.56
CA ALA D 22 -3.53 25.08 -12.70
C ALA D 22 -4.55 26.09 -13.22
N PHE D 23 -4.62 26.26 -14.54
CA PHE D 23 -5.52 27.27 -15.10
C PHE D 23 -6.93 26.89 -14.73
N HIS D 24 -7.22 25.59 -14.83
CA HIS D 24 -8.55 25.09 -14.51
C HIS D 24 -8.91 25.05 -13.03
N ILE D 25 -7.93 24.79 -12.17
CA ILE D 25 -8.15 24.89 -10.73
C ILE D 25 -8.51 26.36 -10.40
N ALA D 26 -7.72 27.29 -10.95
CA ALA D 26 -7.95 28.73 -10.74
C ALA D 26 -9.35 29.11 -11.18
N ARG D 27 -9.74 28.73 -12.39
CA ARG D 27 -11.09 29.00 -12.88
C ARG D 27 -12.23 28.52 -11.96
N VAL D 28 -12.25 27.21 -11.69
CA VAL D 28 -13.26 26.62 -10.82
C VAL D 28 -13.27 27.24 -9.40
N ALA D 29 -12.08 27.55 -8.87
CA ALA D 29 -11.96 28.16 -7.55
C ALA D 29 -12.66 29.52 -7.54
N GLN D 30 -12.35 30.32 -8.58
CA GLN D 30 -13.05 31.60 -8.84
C GLN D 30 -14.56 31.44 -8.99
N GLU D 31 -15.02 30.46 -9.78
CA GLU D 31 -16.48 30.23 -9.92
C GLU D 31 -17.11 29.87 -8.57
N GLN D 32 -16.24 29.49 -7.64
CA GLN D 32 -16.70 28.98 -6.37
C GLN D 32 -16.40 29.95 -5.24
N GLY D 33 -16.12 31.21 -5.59
CA GLY D 33 -16.00 32.28 -4.60
C GLY D 33 -14.64 32.67 -4.05
N ALA D 34 -13.58 31.96 -4.43
CA ALA D 34 -12.26 32.26 -3.90
C ALA D 34 -11.70 33.53 -4.54
N GLN D 35 -10.87 34.23 -3.77
CA GLN D 35 -10.05 35.31 -4.27
C GLN D 35 -8.65 34.72 -4.36
N LEU D 36 -8.01 34.86 -5.51
CA LEU D 36 -6.77 34.19 -5.83
C LEU D 36 -5.59 35.12 -5.99
N VAL D 37 -4.41 34.54 -5.82
CA VAL D 37 -3.13 35.17 -6.12
C VAL D 37 -2.40 34.13 -6.93
N LEU D 38 -2.01 34.50 -8.14
CA LEU D 38 -1.37 33.56 -9.02
C LEU D 38 0.11 33.80 -8.96
N THR D 39 0.89 32.78 -9.32
CA THR D 39 2.33 32.95 -9.51
C THR D 39 2.77 32.32 -10.82
N GLY D 40 3.83 32.88 -11.40
CA GLY D 40 4.23 32.48 -12.74
C GLY D 40 5.72 32.44 -12.81
N PHE D 41 6.24 31.55 -13.63
CA PHE D 41 7.66 31.23 -13.63
C PHE D 41 8.51 32.02 -14.63
N ASP D 42 8.18 31.92 -15.92
CA ASP D 42 9.19 32.30 -16.92
C ASP D 42 8.77 33.46 -17.82
N ARG D 43 7.68 33.29 -18.54
CA ARG D 43 7.12 34.30 -19.42
C ARG D 43 5.95 35.00 -18.75
N LEU D 44 6.26 35.89 -17.82
CA LEU D 44 5.25 36.58 -17.02
C LEU D 44 4.27 37.39 -17.86
N ARG D 45 4.79 38.04 -18.89
CA ARG D 45 4.03 38.91 -19.78
C ARG D 45 2.90 38.11 -20.43
N LEU D 46 3.29 36.96 -20.97
CA LEU D 46 2.38 36.04 -21.64
C LEU D 46 1.46 35.28 -20.67
N ILE D 47 1.96 34.89 -19.48
CA ILE D 47 1.11 34.27 -18.46
C ILE D 47 0.03 35.28 -18.05
N GLN D 48 0.42 36.55 -17.94
CA GLN D 48 -0.54 37.61 -17.63
C GLN D 48 -1.71 37.64 -18.60
N ARG D 49 -1.43 37.40 -19.89
CA ARG D 49 -2.48 37.33 -20.89
C ARG D 49 -3.36 36.10 -20.73
N ILE D 50 -2.71 34.96 -20.46
CA ILE D 50 -3.41 33.71 -20.23
C ILE D 50 -4.35 33.90 -19.04
N THR D 51 -3.85 34.56 -18.01
CA THR D 51 -4.63 34.75 -16.80
C THR D 51 -5.71 35.82 -16.96
N ASP D 52 -5.53 36.71 -17.93
CA ASP D 52 -6.61 37.64 -18.31
C ASP D 52 -7.90 36.91 -18.71
N ARG D 53 -7.77 35.62 -19.06
CA ARG D 53 -8.89 34.83 -19.56
C ARG D 53 -9.75 34.20 -18.43
N LEU D 54 -9.34 34.40 -17.18
CA LEU D 54 -10.05 33.85 -16.03
C LEU D 54 -11.35 34.62 -15.76
N PRO D 55 -12.37 33.97 -15.18
CA PRO D 55 -13.59 34.68 -14.78
C PRO D 55 -13.40 35.99 -13.96
N ALA D 56 -12.24 36.15 -13.33
CA ALA D 56 -11.97 37.33 -12.52
C ALA D 56 -10.48 37.68 -12.49
N LYS D 57 -10.17 38.94 -12.19
CA LYS D 57 -8.78 39.40 -12.13
C LYS D 57 -8.10 38.99 -10.83
N ALA D 58 -6.78 38.88 -10.87
CA ALA D 58 -6.03 38.40 -9.72
C ALA D 58 -4.60 38.83 -9.86
N PRO D 59 -4.00 39.26 -8.76
CA PRO D 59 -2.58 39.57 -8.76
C PRO D 59 -1.82 38.41 -9.38
N LEU D 60 -0.72 38.70 -10.06
CA LEU D 60 0.14 37.66 -10.58
C LEU D 60 1.54 38.01 -10.17
N LEU D 61 2.18 37.08 -9.45
CA LEU D 61 3.53 37.32 -8.93
C LEU D 61 4.52 36.37 -9.61
N GLU D 62 5.79 36.76 -9.64
CA GLU D 62 6.80 35.89 -10.20
C GLU D 62 7.33 34.96 -9.13
N LEU D 63 7.38 33.67 -9.46
CA LEU D 63 7.98 32.70 -8.60
C LEU D 63 8.69 31.66 -9.44
N ASP D 64 10.02 31.75 -9.48
CA ASP D 64 10.88 30.64 -9.93
C ASP D 64 11.27 29.86 -8.69
N VAL D 65 10.76 28.64 -8.64
CA VAL D 65 10.83 27.79 -7.46
C VAL D 65 12.27 27.35 -7.12
N GLN D 66 13.21 27.55 -8.04
CA GLN D 66 14.65 27.33 -7.77
C GLN D 66 15.36 28.59 -7.27
N ASN D 67 14.71 29.74 -7.46
CA ASN D 67 15.23 31.01 -7.00
C ASN D 67 14.97 31.22 -5.51
N GLU D 68 16.04 31.23 -4.73
CA GLU D 68 16.00 31.50 -3.28
C GLU D 68 15.33 32.85 -2.93
N GLU D 69 15.70 33.90 -3.67
CA GLU D 69 15.22 35.27 -3.42
C GLU D 69 13.71 35.36 -3.58
N HIS D 70 13.16 34.72 -4.62
CA HIS D 70 11.70 34.72 -4.85
C HIS D 70 10.99 34.06 -3.68
N LEU D 71 11.60 33.01 -3.17
CA LEU D 71 11.09 32.28 -2.03
C LEU D 71 11.10 33.10 -0.75
N ALA D 72 12.21 33.81 -0.48
CA ALA D 72 12.31 34.65 0.71
C ALA D 72 11.33 35.83 0.67
N SER D 73 11.15 36.40 -0.52
CA SER D 73 10.32 37.59 -0.64
C SER D 73 8.85 37.26 -0.78
N LEU D 74 8.55 35.97 -0.98
CA LEU D 74 7.24 35.55 -1.48
C LEU D 74 6.08 35.79 -0.51
N ALA D 75 6.25 35.44 0.75
CA ALA D 75 5.27 35.74 1.78
C ALA D 75 4.96 37.24 1.82
N GLY D 76 5.98 38.04 1.59
CA GLY D 76 5.86 39.49 1.72
C GLY D 76 5.05 40.06 0.59
N ARG D 77 5.40 39.64 -0.62
CA ARG D 77 4.70 40.07 -1.81
C ARG D 77 3.24 39.64 -1.77
N VAL D 78 2.98 38.44 -1.26
CA VAL D 78 1.62 37.93 -1.18
C VAL D 78 0.76 38.82 -0.28
N THR D 79 1.26 39.17 0.92
CA THR D 79 0.47 39.98 1.84
C THR D 79 0.13 41.35 1.26
N GLU D 80 1.10 41.96 0.59
CA GLU D 80 0.84 43.17 -0.19
C GLU D 80 -0.34 43.01 -1.14
N ALA D 81 -0.37 41.90 -1.89
CA ALA D 81 -1.41 41.65 -2.89
C ALA D 81 -2.80 41.42 -2.29
N ILE D 82 -2.86 40.85 -1.08
CA ILE D 82 -4.15 40.49 -0.47
C ILE D 82 -4.58 41.47 0.62
N GLY D 83 -3.65 42.37 0.97
CA GLY D 83 -3.91 43.40 1.95
C GLY D 83 -3.44 42.93 3.29
N ALA D 84 -2.46 43.64 3.85
CA ALA D 84 -1.88 43.32 5.16
C ALA D 84 -2.97 43.06 6.21
N GLY D 85 -2.69 42.15 7.13
CA GLY D 85 -3.72 41.65 8.04
C GLY D 85 -4.65 40.58 7.45
N ASN D 86 -4.34 40.09 6.25
CA ASN D 86 -5.03 38.92 5.67
C ASN D 86 -4.07 37.79 5.34
N LYS D 87 -4.55 36.57 5.53
CA LYS D 87 -3.74 35.41 5.25
C LYS D 87 -4.39 34.49 4.22
N LEU D 88 -3.53 33.64 3.64
CA LEU D 88 -3.99 32.62 2.73
C LEU D 88 -4.74 31.54 3.48
N ASP D 89 -5.76 31.03 2.83
CA ASP D 89 -6.53 29.88 3.27
C ASP D 89 -6.22 28.63 2.45
N GLY D 90 -5.52 28.84 1.32
CA GLY D 90 -5.32 27.85 0.29
C GLY D 90 -4.02 28.09 -0.44
N VAL D 91 -3.32 27.01 -0.80
CA VAL D 91 -2.12 27.06 -1.64
C VAL D 91 -2.14 25.88 -2.60
N VAL D 92 -1.96 26.15 -3.89
CA VAL D 92 -1.91 25.08 -4.90
C VAL D 92 -0.57 25.04 -5.58
N HIS D 93 0.13 23.92 -5.36
CA HIS D 93 1.38 23.64 -6.04
C HIS D 93 1.01 22.78 -7.27
N SER D 94 1.16 23.39 -8.44
CA SER D 94 0.93 22.70 -9.70
C SER D 94 2.13 22.95 -10.57
N ILE D 95 3.31 22.69 -10.02
CA ILE D 95 4.51 22.91 -10.81
C ILE D 95 5.27 21.60 -10.98
N GLY D 96 5.91 21.43 -12.14
CA GLY D 96 6.62 20.19 -12.42
C GLY D 96 7.61 20.34 -13.55
N PHE D 97 8.78 19.70 -13.42
CA PHE D 97 9.77 19.68 -14.49
C PHE D 97 10.77 18.57 -14.36
N MET D 98 11.10 17.98 -15.50
CA MET D 98 12.19 17.05 -15.63
C MET D 98 12.85 17.28 -17.00
N PRO D 99 14.19 17.51 -17.03
CA PRO D 99 14.90 17.52 -18.33
C PRO D 99 14.46 16.38 -19.24
N GLN D 100 14.60 16.58 -20.54
CA GLN D 100 14.13 15.63 -21.55
C GLN D 100 14.89 14.30 -21.46
N THR D 101 16.14 14.37 -21.00
CA THR D 101 16.97 13.19 -20.86
C THR D 101 16.50 12.23 -19.74
N GLY D 102 15.72 12.74 -18.80
CA GLY D 102 15.12 11.92 -17.77
C GLY D 102 13.72 11.46 -18.16
N MET D 103 13.36 11.67 -19.42
CA MET D 103 11.97 11.54 -19.83
C MET D 103 11.61 10.36 -20.71
N GLY D 104 11.40 10.58 -22.01
CA GLY D 104 10.55 9.67 -22.78
C GLY D 104 11.24 8.43 -23.29
N ILE D 105 11.92 8.58 -24.42
CA ILE D 105 12.59 7.48 -25.11
C ILE D 105 14.04 7.34 -24.64
N ASN D 106 14.59 8.39 -24.02
CA ASN D 106 15.96 8.35 -23.45
C ASN D 106 16.16 7.14 -22.54
N PRO D 107 17.30 6.44 -22.72
CA PRO D 107 17.65 5.36 -21.84
C PRO D 107 17.69 5.87 -20.41
N PHE D 108 16.94 5.18 -19.55
CA PHE D 108 16.83 5.47 -18.12
C PHE D 108 18.19 5.65 -17.45
N PHE D 109 19.14 4.83 -17.86
CA PHE D 109 20.49 4.85 -17.31
C PHE D 109 21.31 6.01 -17.85
N ASP D 110 20.85 6.65 -18.91
CA ASP D 110 21.66 7.67 -19.56
C ASP D 110 21.39 9.08 -19.07
N ALA D 111 20.34 9.23 -18.26
CA ALA D 111 20.02 10.49 -17.60
C ALA D 111 21.07 10.81 -16.50
N PRO D 112 21.80 11.96 -16.65
CA PRO D 112 22.82 12.29 -15.67
C PRO D 112 22.20 12.94 -14.42
N TYR D 113 22.85 12.76 -13.26
CA TYR D 113 22.29 13.25 -12.01
C TYR D 113 21.93 14.74 -11.99
N ALA D 114 22.78 15.55 -12.60
CA ALA D 114 22.57 17.00 -12.69
C ALA D 114 21.19 17.25 -13.25
N ASP D 115 20.84 16.48 -14.28
CA ASP D 115 19.49 16.53 -14.87
C ASP D 115 18.43 15.97 -13.91
N VAL D 116 18.73 14.88 -13.22
CA VAL D 116 17.76 14.25 -12.33
C VAL D 116 17.45 15.16 -11.12
N SER D 117 18.54 15.69 -10.57
CA SER D 117 18.47 16.68 -9.51
C SER D 117 17.65 17.95 -9.83
N LYS D 118 17.75 18.47 -11.04
CA LYS D 118 16.96 19.67 -11.37
C LYS D 118 15.47 19.36 -11.32
N GLY D 119 15.09 18.23 -11.92
CA GLY D 119 13.71 17.76 -11.93
C GLY D 119 13.19 17.43 -10.54
N ILE D 120 14.03 16.84 -9.70
CA ILE D 120 13.61 16.61 -8.30
C ILE D 120 13.42 17.91 -7.55
N HIS D 121 14.38 18.83 -7.75
CA HIS D 121 14.29 20.20 -7.24
C HIS D 121 12.90 20.78 -7.53
N ILE D 122 12.56 20.88 -8.81
CA ILE D 122 11.37 21.57 -9.25
C ILE D 122 10.07 20.83 -8.90
N SER D 123 10.09 19.50 -9.04
CA SER D 123 8.89 18.67 -8.88
C SER D 123 8.62 18.22 -7.42
N ALA D 124 9.67 18.04 -6.63
CA ALA D 124 9.54 17.47 -5.28
C ALA D 124 9.96 18.42 -4.17
N TYR D 125 11.22 18.86 -4.21
CA TYR D 125 11.74 19.71 -3.13
C TYR D 125 10.97 21.01 -3.03
N SER D 126 10.54 21.52 -4.19
CA SER D 126 9.84 22.80 -4.25
C SER D 126 8.48 22.80 -3.55
N TYR D 127 7.88 21.63 -3.34
CA TYR D 127 6.59 21.56 -2.60
C TYR D 127 6.83 21.92 -1.13
N ALA D 128 7.89 21.37 -0.56
CA ALA D 128 8.33 21.77 0.77
C ALA D 128 8.76 23.27 0.89
N SER D 129 9.43 23.82 -0.13
CA SER D 129 9.95 25.19 0.01
C SER D 129 8.84 26.21 -0.13
N MET D 130 7.85 25.83 -0.91
CA MET D 130 6.66 26.61 -1.08
C MET D 130 5.90 26.63 0.23
N ALA D 131 5.72 25.47 0.84
CA ALA D 131 5.05 25.39 2.14
C ALA D 131 5.80 26.19 3.20
N LYS D 132 7.13 26.04 3.25
CA LYS D 132 7.97 26.85 4.15
C LYS D 132 7.67 28.34 4.05
N ALA D 133 7.57 28.85 2.82
CA ALA D 133 7.33 30.27 2.54
C ALA D 133 5.94 30.76 2.96
N LEU D 134 4.92 29.93 2.76
CA LEU D 134 3.53 30.36 2.84
C LEU D 134 2.83 30.04 4.17
N LEU D 135 3.29 29.01 4.86
CA LEU D 135 2.70 28.61 6.12
C LEU D 135 2.68 29.74 7.15
N PRO D 136 3.78 30.53 7.27
CA PRO D 136 3.69 31.63 8.23
C PRO D 136 2.57 32.62 7.90
N ILE D 137 2.13 32.65 6.65
CA ILE D 137 0.99 33.49 6.29
C ILE D 137 -0.26 32.66 5.98
N MET D 138 -0.41 31.51 6.63
CA MET D 138 -1.61 30.69 6.44
C MET D 138 -2.51 30.61 7.66
N ASN D 139 -3.83 30.71 7.42
CA ASN D 139 -4.87 30.61 8.46
C ASN D 139 -5.07 29.18 8.88
N PRO D 140 -5.40 28.96 10.17
CA PRO D 140 -5.90 27.70 10.67
C PRO D 140 -7.04 27.21 9.77
N GLY D 141 -7.13 25.89 9.56
CA GLY D 141 -8.16 25.34 8.72
C GLY D 141 -7.82 25.37 7.24
N GLY D 142 -6.67 25.94 6.91
CA GLY D 142 -6.15 26.01 5.55
C GLY D 142 -5.73 24.67 4.98
N SER D 143 -5.35 24.72 3.69
CA SER D 143 -5.15 23.54 2.86
C SER D 143 -4.12 23.85 1.76
N ILE D 144 -3.05 23.04 1.75
CA ILE D 144 -2.02 23.05 0.69
C ILE D 144 -2.27 21.80 -0.15
N VAL D 145 -2.27 21.95 -1.47
CA VAL D 145 -2.52 20.85 -2.39
C VAL D 145 -1.40 20.84 -3.43
N GLY D 146 -0.81 19.67 -3.66
CA GLY D 146 0.14 19.46 -4.77
C GLY D 146 -0.48 18.57 -5.85
N MET D 147 0.16 18.51 -7.01
CA MET D 147 -0.27 17.63 -8.11
C MET D 147 0.67 16.43 -8.30
N ASP D 148 0.06 15.27 -8.49
CA ASP D 148 0.75 13.99 -8.45
C ASP D 148 0.28 13.11 -9.60
N PHE D 149 1.18 12.23 -10.07
CA PHE D 149 0.82 11.18 -11.04
C PHE D 149 1.40 9.90 -10.45
N ASP D 150 0.50 8.95 -10.18
CA ASP D 150 0.77 7.76 -9.37
C ASP D 150 2.08 7.05 -9.74
N PRO D 151 3.11 7.10 -8.85
CA PRO D 151 4.45 6.56 -9.11
C PRO D 151 4.70 5.19 -8.47
N SER D 152 3.63 4.59 -7.93
CA SER D 152 3.74 3.34 -7.18
C SER D 152 4.11 2.12 -8.02
N ARG D 153 3.94 2.20 -9.35
CA ARG D 153 4.46 1.17 -10.26
C ARG D 153 5.21 1.88 -11.39
N ALA D 154 6.19 1.19 -11.96
CA ALA D 154 6.93 1.72 -13.11
C ALA D 154 6.11 1.60 -14.42
N MET D 155 6.54 2.30 -15.45
CA MET D 155 5.80 2.44 -16.70
C MET D 155 6.70 3.08 -17.76
N PRO D 156 6.32 2.98 -19.05
CA PRO D 156 7.12 3.58 -20.12
C PRO D 156 7.15 5.10 -20.05
N ALA D 157 8.23 5.69 -20.59
CA ALA D 157 8.36 7.16 -20.78
C ALA D 157 8.40 8.02 -19.54
N TYR D 158 7.56 7.75 -18.55
CA TYR D 158 7.50 8.65 -17.38
C TYR D 158 8.81 8.67 -16.62
N ASN D 159 9.54 7.55 -16.69
CA ASN D 159 10.94 7.45 -16.28
C ASN D 159 11.32 8.11 -14.93
N TRP D 160 12.22 9.10 -14.96
CA TRP D 160 12.74 9.72 -13.73
C TRP D 160 11.75 10.72 -13.14
N MET D 161 10.68 11.01 -13.87
CA MET D 161 9.63 11.83 -13.31
C MET D 161 8.86 10.96 -12.32
N THR D 162 8.70 9.67 -12.65
CA THR D 162 8.09 8.71 -11.71
C THR D 162 8.83 8.84 -10.39
N VAL D 163 10.16 8.74 -10.45
CA VAL D 163 11.02 8.88 -9.26
C VAL D 163 10.75 10.17 -8.48
N ALA D 164 10.69 11.30 -9.19
CA ALA D 164 10.39 12.60 -8.60
C ALA D 164 9.01 12.64 -7.89
N LYS D 165 8.01 11.95 -8.46
CA LYS D 165 6.69 11.82 -7.84
C LYS D 165 6.65 10.92 -6.58
N SER D 166 7.45 9.85 -6.56
CA SER D 166 7.66 9.06 -5.33
C SER D 166 8.30 9.92 -4.23
N ALA D 167 9.31 10.71 -4.61
CA ALA D 167 9.87 11.66 -3.66
C ALA D 167 8.82 12.69 -3.22
N LEU D 168 8.02 13.20 -4.17
CA LEU D 168 6.95 14.19 -3.87
C LEU D 168 5.93 13.67 -2.86
N GLU D 169 5.55 12.40 -3.02
CA GLU D 169 4.64 11.75 -2.09
C GLU D 169 5.23 11.69 -0.68
N SER D 170 6.54 11.41 -0.62
CA SER D 170 7.25 11.46 0.63
C SER D 170 7.26 12.83 1.28
N VAL D 171 7.57 13.84 0.47
CA VAL D 171 7.69 15.23 0.91
C VAL D 171 6.37 15.67 1.47
N ASN D 172 5.29 15.35 0.76
CA ASN D 172 3.94 15.60 1.22
C ASN D 172 3.66 15.11 2.65
N ARG D 173 4.12 13.90 2.99
CA ARG D 173 3.85 13.30 4.30
C ARG D 173 4.53 14.11 5.41
N PHE D 174 5.73 14.61 5.10
CA PHE D 174 6.53 15.46 6.02
C PHE D 174 6.06 16.91 6.10
N VAL D 175 5.55 17.46 5.00
CA VAL D 175 5.01 18.82 4.96
C VAL D 175 3.77 18.88 5.87
N ALA D 176 2.94 17.84 5.75
CA ALA D 176 1.73 17.68 6.54
C ALA D 176 2.02 17.74 8.04
N ARG D 177 3.17 17.20 8.45
CA ARG D 177 3.64 17.27 9.86
C ARG D 177 3.90 18.70 10.28
N GLU D 178 4.51 19.48 9.39
CA GLU D 178 4.74 20.90 9.63
C GLU D 178 3.41 21.68 9.59
N ALA D 179 2.61 21.42 8.57
CA ALA D 179 1.37 22.18 8.34
C ALA D 179 0.37 21.99 9.49
N GLY D 180 0.35 20.78 10.04
CA GLY D 180 -0.45 20.46 11.22
C GLY D 180 -0.28 21.43 12.36
N LYS D 181 0.91 22.00 12.51
CA LYS D 181 1.17 23.00 13.55
C LYS D 181 0.37 24.31 13.33
N TYR D 182 0.01 24.60 12.09
CA TYR D 182 -0.71 25.81 11.79
C TYR D 182 -2.18 25.48 11.64
N GLY D 183 -2.51 24.20 11.85
CA GLY D 183 -3.86 23.72 11.64
C GLY D 183 -4.19 23.69 10.16
N VAL D 184 -3.17 23.36 9.36
CA VAL D 184 -3.27 23.36 7.91
C VAL D 184 -3.07 21.93 7.39
N ARG D 185 -3.90 21.52 6.42
CA ARG D 185 -3.82 20.20 5.76
C ARG D 185 -2.88 20.30 4.57
N SER D 186 -2.29 19.18 4.20
CA SER D 186 -1.43 19.06 3.04
C SER D 186 -1.76 17.76 2.32
N ASN D 187 -1.97 17.84 1.01
CA ASN D 187 -2.47 16.70 0.24
C ASN D 187 -2.07 16.75 -1.22
N LEU D 188 -2.11 15.59 -1.88
CA LEU D 188 -1.83 15.54 -3.30
C LEU D 188 -3.07 15.05 -3.98
N VAL D 189 -3.36 15.58 -5.17
CA VAL D 189 -4.32 15.01 -6.09
C VAL D 189 -3.52 14.26 -7.17
N ALA D 190 -3.83 12.96 -7.29
CA ALA D 190 -3.20 12.10 -8.27
C ALA D 190 -4.17 12.01 -9.42
N ALA D 191 -3.81 12.68 -10.50
CA ALA D 191 -4.66 12.86 -11.66
C ALA D 191 -4.34 11.84 -12.73
N GLY D 192 -5.33 11.51 -13.53
CA GLY D 192 -5.09 10.76 -14.75
C GLY D 192 -4.35 11.68 -15.72
N PRO D 193 -3.92 11.15 -16.88
CA PRO D 193 -3.27 12.00 -17.88
C PRO D 193 -4.23 13.07 -18.42
N ILE D 194 -3.74 14.30 -18.45
CA ILE D 194 -4.51 15.43 -18.92
C ILE D 194 -3.70 16.13 -20.01
N ARG D 195 -4.36 16.38 -21.14
CA ARG D 195 -3.76 16.88 -22.38
C ARG D 195 -3.29 18.33 -22.19
N THR D 196 -2.01 18.45 -21.87
CA THR D 196 -1.48 19.64 -21.26
C THR D 196 -0.21 20.02 -22.04
N LEU D 197 0.28 21.24 -21.86
CA LEU D 197 1.61 21.57 -22.42
C LEU D 197 2.73 20.61 -21.93
N ALA D 198 2.69 20.22 -20.66
CA ALA D 198 3.72 19.32 -20.10
C ALA D 198 3.67 17.91 -20.72
N MET D 199 2.48 17.32 -20.79
CA MET D 199 2.29 16.08 -21.55
C MET D 199 2.62 16.36 -23.03
N SER D 200 3.69 15.75 -23.53
CA SER D 200 4.28 16.09 -24.86
C SER D 200 5.53 16.96 -24.74
N GLY D 212 6.31 5.89 -28.82
CA GLY D 212 5.15 6.41 -29.53
C GLY D 212 3.92 5.54 -29.31
N ALA D 213 4.07 4.24 -29.59
CA ALA D 213 3.04 3.27 -29.28
C ALA D 213 2.94 2.98 -27.77
N GLN D 214 4.07 3.19 -27.08
CA GLN D 214 4.20 3.11 -25.62
C GLN D 214 3.20 4.02 -24.94
N ILE D 215 3.29 5.32 -25.28
CA ILE D 215 2.51 6.40 -24.67
C ILE D 215 1.03 6.20 -24.88
N GLN D 216 0.68 5.74 -26.08
CA GLN D 216 -0.71 5.66 -26.48
C GLN D 216 -1.41 4.57 -25.70
N LEU D 217 -0.80 3.39 -25.65
CA LEU D 217 -1.29 2.27 -24.85
C LEU D 217 -1.39 2.65 -23.38
N LEU D 218 -0.38 3.37 -22.91
CA LEU D 218 -0.29 3.79 -21.53
C LEU D 218 -1.49 4.68 -21.17
N GLU D 219 -1.69 5.73 -21.97
CA GLU D 219 -2.76 6.69 -21.75
C GLU D 219 -4.16 6.14 -22.07
N GLU D 220 -4.25 5.16 -22.97
CA GLU D 220 -5.55 4.53 -23.26
C GLU D 220 -6.08 3.74 -22.08
N GLY D 221 -5.17 3.24 -21.24
CA GLY D 221 -5.51 2.37 -20.12
C GLY D 221 -6.36 3.05 -19.06
N TRP D 222 -6.28 4.37 -18.95
CA TRP D 222 -7.17 5.09 -18.01
C TRP D 222 -8.64 4.93 -18.36
N ASP D 223 -9.05 5.35 -19.55
CA ASP D 223 -10.44 5.22 -19.92
C ASP D 223 -10.96 3.77 -19.78
N GLN D 224 -10.12 2.81 -20.14
CA GLN D 224 -10.43 1.38 -20.07
C GLN D 224 -10.64 0.88 -18.63
N ARG D 225 -9.67 1.16 -17.76
CA ARG D 225 -9.70 0.74 -16.33
C ARG D 225 -10.70 1.48 -15.45
N ALA D 226 -11.03 2.72 -15.82
CA ALA D 226 -11.84 3.59 -15.00
C ALA D 226 -13.30 3.17 -15.09
N PRO D 227 -13.89 2.69 -13.98
CA PRO D 227 -15.30 2.28 -14.04
C PRO D 227 -16.21 3.41 -14.54
N ILE D 228 -15.77 4.65 -14.37
CA ILE D 228 -16.57 5.81 -14.85
C ILE D 228 -15.90 6.55 -16.01
N GLY D 229 -14.96 5.88 -16.66
CA GLY D 229 -14.29 6.44 -17.81
C GLY D 229 -13.31 7.51 -17.43
N TRP D 230 -12.56 7.98 -18.41
CA TRP D 230 -11.63 9.07 -18.20
C TRP D 230 -11.44 9.82 -19.51
N ASN D 231 -11.52 11.14 -19.44
CA ASN D 231 -11.41 12.00 -20.58
C ASN D 231 -10.16 12.87 -20.40
N MET D 232 -9.08 12.54 -21.13
CA MET D 232 -7.81 13.29 -21.15
C MET D 232 -7.92 14.76 -21.53
N LYS D 233 -9.06 15.15 -22.09
CA LYS D 233 -9.22 16.51 -22.62
C LYS D 233 -10.11 17.38 -21.74
N ASP D 234 -10.51 16.84 -20.60
CA ASP D 234 -11.33 17.58 -19.67
C ASP D 234 -10.63 17.73 -18.33
N ALA D 235 -10.06 18.91 -18.08
CA ALA D 235 -9.38 19.15 -16.81
C ALA D 235 -10.32 19.43 -15.62
N THR D 236 -11.62 19.62 -15.86
CA THR D 236 -12.48 20.07 -14.75
C THR D 236 -12.70 19.05 -13.61
N PRO D 237 -12.81 17.73 -13.90
CA PRO D 237 -13.01 16.84 -12.76
C PRO D 237 -11.80 16.80 -11.81
N VAL D 238 -10.61 17.10 -12.33
CA VAL D 238 -9.43 17.15 -11.45
C VAL D 238 -9.40 18.48 -10.67
N ALA D 239 -9.67 19.60 -11.37
CA ALA D 239 -9.90 20.90 -10.73
C ALA D 239 -10.87 20.83 -9.56
N LYS D 240 -12.01 20.18 -9.75
CA LYS D 240 -13.03 20.07 -8.69
C LYS D 240 -12.57 19.30 -7.46
N THR D 241 -11.79 18.25 -7.73
CA THR D 241 -11.15 17.43 -6.72
C THR D 241 -10.18 18.29 -5.91
N VAL D 242 -9.43 19.17 -6.59
CA VAL D 242 -8.50 20.08 -5.90
C VAL D 242 -9.24 21.10 -5.00
N CYS D 243 -10.36 21.62 -5.49
CA CYS D 243 -11.13 22.55 -4.72
C CYS D 243 -11.75 21.82 -3.54
N ALA D 244 -12.14 20.58 -3.77
CA ALA D 244 -12.71 19.77 -2.72
C ALA D 244 -11.73 19.76 -1.54
N LEU D 245 -10.44 19.57 -1.83
CA LEU D 245 -9.41 19.58 -0.79
C LEU D 245 -9.16 20.97 -0.21
N LEU D 246 -9.35 22.02 -1.01
CA LEU D 246 -9.21 23.39 -0.49
C LEU D 246 -10.35 23.80 0.40
N SER D 247 -11.47 23.13 0.27
CA SER D 247 -12.70 23.46 1.00
C SER D 247 -12.75 22.81 2.38
N ASP D 248 -13.82 23.07 3.11
CA ASP D 248 -13.97 22.61 4.49
C ASP D 248 -14.64 21.23 4.57
N TRP D 249 -14.82 20.61 3.41
CA TRP D 249 -15.52 19.33 3.30
C TRP D 249 -14.58 18.13 3.38
N LEU D 250 -13.27 18.38 3.38
CA LEU D 250 -12.28 17.34 3.70
C LEU D 250 -11.41 17.74 4.90
N PRO D 251 -12.05 17.98 6.07
CA PRO D 251 -11.31 18.61 7.16
C PRO D 251 -10.36 17.66 7.87
N ALA D 252 -10.46 16.37 7.60
CA ALA D 252 -9.77 15.36 8.38
C ALA D 252 -8.78 14.54 7.56
N THR D 253 -8.39 15.02 6.39
CA THR D 253 -7.41 14.28 5.62
C THR D 253 -6.17 15.13 5.46
N THR D 254 -4.99 14.53 5.73
CA THR D 254 -3.66 15.18 5.51
C THR D 254 -2.58 14.16 5.28
N GLY D 255 -1.46 14.65 4.73
CA GLY D 255 -0.35 13.84 4.28
C GLY D 255 -0.83 12.75 3.37
N ASP D 256 -1.84 13.05 2.57
CA ASP D 256 -2.54 12.06 1.82
C ASP D 256 -2.57 12.37 0.33
N ILE D 257 -3.23 11.47 -0.40
CA ILE D 257 -3.29 11.50 -1.85
C ILE D 257 -4.74 11.16 -2.21
N ILE D 258 -5.44 12.09 -2.86
CA ILE D 258 -6.76 11.79 -3.40
C ILE D 258 -6.60 11.43 -4.88
N TYR D 259 -7.23 10.33 -5.30
CA TYR D 259 -7.10 9.94 -6.69
C TYR D 259 -8.21 10.45 -7.60
N ALA D 260 -7.89 11.39 -8.49
CA ALA D 260 -8.90 11.93 -9.39
C ALA D 260 -8.57 11.38 -10.77
N ASP D 261 -8.99 10.15 -11.01
CA ASP D 261 -8.45 9.36 -12.13
C ASP D 261 -9.46 8.42 -12.70
N GLY D 262 -10.74 8.66 -12.41
CA GLY D 262 -11.85 7.81 -12.90
C GLY D 262 -11.92 6.45 -12.24
N GLY D 263 -11.11 6.23 -11.21
CA GLY D 263 -11.08 4.95 -10.51
C GLY D 263 -10.05 4.02 -11.10
N ALA D 264 -9.33 4.49 -12.12
CA ALA D 264 -8.38 3.64 -12.87
C ALA D 264 -7.38 2.91 -11.99
N HIS D 265 -6.81 3.58 -10.99
CA HIS D 265 -5.78 2.96 -10.13
C HIS D 265 -6.31 1.81 -9.25
N THR D 266 -7.63 1.66 -9.15
CA THR D 266 -8.21 0.56 -8.35
C THR D 266 -8.55 -0.69 -9.17
N GLN D 267 -8.34 -0.64 -10.48
CA GLN D 267 -8.75 -1.75 -11.35
C GLN D 267 -7.55 -2.29 -12.11
N LEU D 268 -7.34 -3.60 -12.08
CA LEU D 268 -6.20 -4.20 -12.80
C LEU D 268 -6.45 -4.09 -14.30
N LEU D 269 -7.67 -4.49 -14.72
CA LEU D 269 -8.19 -4.21 -16.04
C LEU D 269 -9.73 -4.31 -16.00
PA NAD E . -23.22 1.98 15.16
O1A NAD E . -23.50 1.06 16.25
O2A NAD E . -23.84 3.31 15.37
O5B NAD E . -23.66 1.42 13.73
C5B NAD E . -23.75 0.05 13.41
C4B NAD E . -25.01 0.02 12.58
O4B NAD E . -25.12 -1.16 11.80
C3B NAD E . -26.19 0.05 13.56
O3B NAD E . -27.04 1.14 13.23
C2B NAD E . -26.83 -1.30 13.38
O2B NAD E . -28.24 -1.30 13.53
C1B NAD E . -26.45 -1.62 11.94
N9A NAD E . -26.71 -3.04 11.65
C8A NAD E . -26.23 -4.15 12.31
N7A NAD E . -26.74 -5.25 11.69
C5A NAD E . -27.56 -4.86 10.68
C6A NAD E . -28.32 -5.56 9.75
N6A NAD E . -28.60 -6.85 9.95
N1A NAD E . -29.05 -4.86 8.82
C2A NAD E . -29.04 -3.47 8.79
N3A NAD E . -28.28 -2.78 9.73
C4A NAD E . -27.54 -3.46 10.64
O3 NAD E . -21.63 2.07 15.05
PN NAD E . -20.86 3.06 14.06
O1N NAD E . -19.54 3.23 14.68
O2N NAD E . -21.71 4.24 13.77
O5D NAD E . -20.74 2.18 12.72
C5D NAD E . -21.16 2.52 11.41
C4D NAD E . -20.09 2.07 10.43
O4D NAD E . -18.91 2.77 10.77
C3D NAD E . -19.71 0.60 10.54
O3D NAD E . -19.51 -0.02 9.29
C2D NAD E . -18.36 0.61 11.23
O2D NAD E . -17.61 -0.55 10.93
C1D NAD E . -17.78 1.90 10.68
N1N NAD E . -16.63 2.50 11.37
C2N NAD E . -16.79 2.96 12.67
C3N NAD E . -15.76 3.59 13.34
C7N NAD E . -15.96 4.06 14.75
O7N NAD E . -14.84 4.47 15.49
N7N NAD E . -17.18 4.07 15.32
C4N NAD E . -14.52 3.78 12.69
C5N NAD E . -14.39 3.35 11.35
C6N NAD E . -15.47 2.72 10.70
C2 JPM F . -15.55 -0.02 13.79
C3 JPM F . -16.59 0.03 14.72
C4 JPM F . -16.41 0.68 15.94
C5 JPM F . -15.17 1.27 16.21
C7 JPM F . -19.59 -2.11 14.53
C8 JPM F . -18.27 -1.76 14.88
C9 JPM F . -17.54 -2.56 15.73
C10 JPM F . -18.13 -3.75 16.22
C11 JPM F . -19.42 -4.14 15.89
C12 JPM F . -20.16 -3.30 15.02
C15 JPM F . -10.80 -0.37 18.66
C16 JPM F . -10.96 -0.94 17.41
C18 JPM F . -12.77 1.87 15.57
C19 JPM F . -11.90 1.65 17.92
O2 JPM F . -15.75 -0.67 12.62
O1 JPM F . -17.77 -0.58 14.38
CL1 JPM F . -20.34 -1.16 13.61
CL5 JPM F . -20.00 -5.41 16.48
C1 JPM F . -14.32 0.57 14.07
C6 JPM F . -14.11 1.21 15.29
C13 JPM F . -12.08 1.10 16.67
C17 JPM F . -11.61 -0.20 16.41
C14 JPM F . -11.27 0.92 18.93
PA NAD G . -5.71 -26.85 -7.22
O1A NAD G . -7.02 -27.24 -7.76
O2A NAD G . -4.65 -27.86 -7.44
O5B NAD G . -5.81 -26.50 -5.63
C5B NAD G . -7.01 -26.33 -4.90
C4B NAD G . -6.96 -27.31 -3.72
O4B NAD G . -7.90 -26.91 -2.73
C3B NAD G . -7.36 -28.73 -4.21
O3B NAD G . -6.39 -29.74 -4.01
C2B NAD G . -8.62 -29.02 -3.40
O2B NAD G . -8.81 -30.39 -3.13
C1B NAD G . -8.43 -28.11 -2.18
N9A NAD G . -9.67 -27.95 -1.40
C8A NAD G . -10.89 -27.46 -1.83
N7A NAD G . -11.76 -27.51 -0.80
C5A NAD G . -11.12 -28.05 0.27
C6A NAD G . -11.53 -28.34 1.58
N6A NAD G . -12.82 -28.20 1.93
N1A NAD G . -10.63 -28.91 2.47
C2A NAD G . -9.34 -29.16 2.10
N3A NAD G . -8.94 -28.87 0.81
C4A NAD G . -9.82 -28.33 -0.09
O3 NAD G . -5.29 -25.44 -7.87
PN NAD G . -4.08 -24.52 -7.31
O1N NAD G . -3.89 -23.45 -8.32
O2N NAD G . -3.02 -25.47 -6.93
O5D NAD G . -4.65 -23.81 -5.97
C5D NAD G . -3.91 -23.81 -4.75
C4D NAD G . -3.89 -22.45 -4.04
O4D NAD G . -3.06 -21.52 -4.71
C3D NAD G . -5.27 -21.82 -3.92
O3D NAD G . -5.33 -21.16 -2.67
C2D NAD G . -5.27 -20.76 -5.00
O2D NAD G . -6.20 -19.76 -4.68
C1D NAD G . -3.79 -20.33 -4.98
N1N NAD G . -3.31 -19.63 -6.21
C2N NAD G . -3.37 -20.21 -7.47
C3N NAD G . -2.92 -19.53 -8.61
C7N NAD G . -2.78 -20.20 -9.97
O7N NAD G . -2.65 -19.37 -11.10
N7N NAD G . -2.76 -21.53 -10.08
C4N NAD G . -2.44 -18.23 -8.45
C5N NAD G . -2.39 -17.65 -7.19
C6N NAD G . -2.83 -18.36 -6.08
C2 JPM H . -6.50 -18.66 -8.19
C3 JPM H . -6.88 -19.94 -8.56
C4 JPM H . -6.62 -20.38 -9.85
C5 JPM H . -6.02 -19.52 -10.77
C7 JPM H . -9.16 -22.20 -6.72
C8 JPM H . -8.80 -21.16 -7.58
C9 JPM H . -9.79 -20.57 -8.38
C10 JPM H . -11.14 -21.01 -8.33
C11 JPM H . -11.50 -22.06 -7.47
C12 JPM H . -10.49 -22.63 -6.69
C15 JPM H . -7.86 -14.99 -13.65
C16 JPM H . -7.60 -14.69 -12.30
C18 JPM H . -4.99 -17.32 -11.43
C19 JPM H . -6.24 -16.79 -13.55
O2 JPM H . -6.74 -18.26 -6.91
O1 JPM H . -7.47 -20.75 -7.61
CL1 JPM H . -8.14 -22.88 -5.83
CL5 JPM H . -12.91 -22.58 -7.39
C1 JPM H . -5.89 -17.78 -9.10
C6 JPM H . -5.65 -18.22 -10.41
C13 JPM H . -5.99 -16.51 -12.21
C17 JPM H . -6.68 -15.46 -11.59
C14 JPM H . -7.18 -16.04 -14.27
PA NAD I . 27.01 1.76 7.36
O1A NAD I . 27.47 3.06 7.86
O2A NAD I . 27.70 0.63 7.99
O5B NAD I . 27.21 1.65 5.76
C5B NAD I . 26.71 2.65 4.88
C4B NAD I . 27.72 2.75 3.75
O4B NAD I . 27.40 3.80 2.84
C3B NAD I . 29.12 3.04 4.30
O3B NAD I . 29.94 1.93 3.99
C2B NAD I . 29.61 4.25 3.54
O2B NAD I . 30.98 4.12 3.24
C1B NAD I . 28.68 4.16 2.33
N9A NAD I . 28.71 5.37 1.47
C8A NAD I . 28.32 6.64 1.77
N7A NAD I . 28.57 7.38 0.68
C5A NAD I . 29.13 6.63 -0.30
C6A NAD I . 29.56 6.89 -1.61
N6A NAD I . 29.75 8.13 -2.07
N1A NAD I . 30.07 5.85 -2.35
C2A NAD I . 30.15 4.56 -1.84
N3A NAD I . 29.71 4.33 -0.55
C4A NAD I . 29.21 5.34 0.20
O3 NAD I . 25.40 1.78 7.68
PN NAD I . 24.28 0.68 7.31
O1N NAD I . 23.19 0.92 8.29
O2N NAD I . 24.83 -0.70 7.19
O5D NAD I . 23.72 1.14 5.89
C5D NAD I . 23.75 0.31 4.74
C4D NAD I . 22.47 0.49 3.93
O4D NAD I . 21.41 -0.07 4.68
C3D NAD I . 22.08 1.94 3.72
O3D NAD I . 21.58 2.05 2.42
C2D NAD I . 20.95 2.21 4.69
O2D NAD I . 20.04 3.17 4.23
C1D NAD I . 20.31 0.84 4.80
N1N NAD I . 19.49 0.58 6.02
C2N NAD I . 20.02 0.66 7.26
C3N NAD I . 19.23 0.34 8.37
C7N NAD I . 19.81 0.30 9.76
O7N NAD I . 18.95 0.25 10.86
N7N NAD I . 21.12 0.30 9.97
C4N NAD I . 17.90 -0.06 8.19
C5N NAD I . 17.39 -0.17 6.89
C6N NAD I . 18.21 0.13 5.82
C2 JPM J . 18.90 3.91 7.52
C3 JPM J . 20.19 4.05 8.02
C4 JPM J . 20.44 3.81 9.38
C5 JPM J . 19.38 3.46 10.21
C7 JPM J . 22.85 5.92 6.26
C8 JPM J . 21.70 5.69 7.05
C9 JPM J . 21.14 6.74 7.80
C10 JPM J . 21.71 8.02 7.75
C11 JPM J . 22.85 8.28 6.95
C12 JPM J . 23.40 7.20 6.23
C15 JPM J . 15.68 6.00 13.31
C16 JPM J . 15.26 6.04 11.98
C18 JPM J . 16.93 2.91 10.58
C19 JPM J . 16.92 3.96 12.87
O2 JPM J . 18.77 4.16 6.18
O1 JPM J . 21.16 4.41 7.10
CL1 JPM J . 23.48 4.79 5.44
CL5 JPM J . 23.50 9.65 6.91
C1 JPM J . 17.84 3.55 8.34
C6 JPM J . 18.08 3.33 9.69
C13 JPM J . 16.50 4.00 11.55
C17 JPM J . 15.67 5.03 11.11
C14 JPM J . 16.52 4.97 13.76
PA NAD K . 1.73 22.50 -17.46
O1A NAD K . 2.64 22.64 -18.61
O2A NAD K . 0.45 23.23 -17.62
O5B NAD K . 2.42 23.09 -16.15
C5B NAD K . 3.77 22.93 -15.80
C4B NAD K . 3.96 24.12 -14.85
O4B NAD K . 5.12 24.02 -14.03
C3B NAD K . 4.11 25.39 -15.69
O3B NAD K . 3.15 26.32 -15.26
C2B NAD K . 5.49 25.90 -15.37
O2B NAD K . 5.45 27.31 -15.34
C1B NAD K . 5.71 25.31 -13.97
N9A NAD K . 7.14 25.36 -13.64
C8A NAD K . 8.19 24.75 -14.27
N7A NAD K . 9.35 25.11 -13.67
C5A NAD K . 9.05 25.98 -12.67
C6A NAD K . 9.84 26.65 -11.75
N6A NAD K . 11.17 26.59 -11.80
N1A NAD K . 9.20 27.49 -10.82
C2A NAD K . 7.83 27.65 -10.81
N3A NAD K . 7.05 26.98 -11.73
C4A NAD K . 7.65 26.15 -12.65
O3 NAD K . 1.54 20.93 -17.09
PN NAD K . 0.46 20.36 -16.04
O1N NAD K . 0.04 19.04 -16.53
O2N NAD K . -0.62 21.34 -15.72
O5D NAD K . 1.41 20.20 -14.75
C5D NAD K . 0.97 20.66 -13.48
C4D NAD K . 1.28 19.64 -12.40
O4D NAD K . 0.43 18.52 -12.52
C3D NAD K . 2.69 19.08 -12.51
O3D NAD K . 3.13 18.89 -11.20
C2D NAD K . 2.48 17.71 -13.14
O2D NAD K . 3.55 16.82 -12.88
C1D NAD K . 1.18 17.31 -12.50
N1N NAD K . 0.43 16.26 -13.19
C2N NAD K . 0.24 16.31 -14.54
C3N NAD K . -0.51 15.32 -15.20
C7N NAD K . -1.11 15.59 -16.55
O7N NAD K . -1.57 14.45 -17.23
N7N NAD K . -1.22 16.81 -17.08
C4N NAD K . -1.05 14.28 -14.45
C5N NAD K . -0.86 14.24 -13.08
C6N NAD K . -0.12 15.24 -12.45
C2 JPM L . 2.98 14.64 -15.58
C3 JPM L . 2.97 15.74 -16.42
C4 JPM L . 2.18 15.71 -17.60
C5 JPM L . 1.45 14.56 -17.93
C7 JPM L . 5.52 18.39 -16.22
C8 JPM L . 4.96 17.14 -16.50
C9 JPM L . 5.68 16.20 -17.25
C10 JPM L . 6.96 16.53 -17.72
C11 JPM L . 7.53 17.77 -17.46
C12 JPM L . 6.81 18.69 -16.71
C15 JPM L . 2.75 9.51 -20.02
C16 JPM L . 3.29 9.79 -18.75
C18 JPM L . 0.67 12.19 -17.38
C19 JPM L . 0.86 10.96 -19.56
O2 JPM L . 3.72 14.69 -14.44
O1 JPM L . 3.69 16.84 -16.05
CL1 JPM L . 4.77 19.42 -15.44
CL5 JPM L . 8.91 18.10 -17.99
C1 JPM L . 2.24 13.50 -15.91
C6 JPM L . 1.47 13.44 -17.08
C13 JPM L . 1.40 11.24 -18.30
C17 JPM L . 2.60 10.66 -17.90
C14 JPM L . 1.54 10.08 -20.42
#